data_7ZVS
#
_entry.id   7ZVS
#
_cell.length_a   206.258
_cell.length_b   97.239
_cell.length_c   72.944
_cell.angle_alpha   90.00
_cell.angle_beta   97.52
_cell.angle_gamma   90.00
#
_symmetry.space_group_name_H-M   'C 1 2 1'
#
loop_
_entity.id
_entity.type
_entity.pdbx_description
1 polymer 'Venus kinase receptor 2'
2 non-polymer "ADENOSINE-5'-DIPHOSPHATE"
#
_entity_poly.entity_id   1
_entity_poly.type   'polypeptide(L)'
_entity_poly.pdbx_seq_one_letter_code
;KLKEIENRTRKPFEELCTELADLDMPAENIVLNRRVGQGAFGLVFGGEAKKSDLWEAVAVKVINEKANYEGKIDFLSEAK
LMRSLNHPNVVRLIGISLNPKASLYLIMELMLLGDLKTYLLSRRILAQRSPNHEDIRPSTLTQMSMDIGQGLAYLHSKHL
IHRDIACRNCLVAADRTVKIGDFGLTRQAAKNTSEAYYRFTRKCELPIRWMSPEAVQFGVFSIQSDIWSFGITLYEIITF
GVFPYNGLGDVEVVERVKRMEFSITEFLPPQALNTVVCELINHCCKHQWQHRPSSMNQVLEVLIAYPDCIRPFLTDDPPK
PNTTIDSLPFQPTVDTCIISE
;
_entity_poly.pdbx_strand_id   A,B,C
#
loop_
_chem_comp.id
_chem_comp.type
_chem_comp.name
_chem_comp.formula
ADP non-polymer ADENOSINE-5'-DIPHOSPHATE 'C10 H15 N5 O10 P2'
#
# COMPACT_ATOMS: atom_id res chain seq x y z
N ASN A 7 -6.65 -32.46 -49.89
CA ASN A 7 -6.07 -31.36 -49.12
C ASN A 7 -4.55 -31.32 -49.26
N ARG A 8 -3.99 -30.10 -49.20
CA ARG A 8 -2.56 -29.90 -49.35
C ARG A 8 -1.93 -29.09 -48.23
N THR A 9 -2.73 -28.43 -47.39
CA THR A 9 -2.23 -27.68 -46.24
C THR A 9 -2.78 -28.20 -44.92
N ARG A 10 -3.66 -29.20 -44.95
CA ARG A 10 -4.22 -29.78 -43.73
C ARG A 10 -3.42 -30.97 -43.24
N LYS A 11 -2.53 -31.52 -44.05
CA LYS A 11 -1.62 -32.59 -43.64
C LYS A 11 -0.40 -32.01 -42.90
N PRO A 12 0.13 -30.84 -43.29
CA PRO A 12 1.24 -30.25 -42.51
C PRO A 12 1.02 -30.22 -41.01
N PHE A 13 -0.21 -29.94 -40.53
CA PHE A 13 -0.44 -29.90 -39.10
C PHE A 13 -0.25 -31.27 -38.46
N GLU A 14 -0.82 -32.31 -39.07
CA GLU A 14 -0.86 -33.63 -38.43
C GLU A 14 0.46 -34.39 -38.56
N GLU A 15 1.30 -34.03 -39.53
CA GLU A 15 2.66 -34.56 -39.56
C GLU A 15 3.58 -33.81 -38.61
N LEU A 16 3.30 -32.54 -38.33
CA LEU A 16 4.16 -31.75 -37.47
C LEU A 16 4.06 -32.20 -36.01
N CYS A 17 2.82 -32.39 -35.53
CA CYS A 17 2.61 -32.81 -34.15
C CYS A 17 3.10 -34.23 -33.89
N THR A 18 3.50 -34.97 -34.93
CA THR A 18 4.10 -36.28 -34.73
C THR A 18 5.45 -36.14 -34.02
N GLU A 19 6.28 -35.21 -34.46
CA GLU A 19 7.56 -34.98 -33.79
C GLU A 19 7.34 -34.35 -32.41
N LEU A 20 6.39 -33.42 -32.30
CA LEU A 20 6.07 -32.78 -31.03
C LEU A 20 5.03 -33.55 -30.24
N ALA A 21 5.09 -34.88 -30.28
CA ALA A 21 4.14 -35.71 -29.55
C ALA A 21 4.57 -35.98 -28.12
N ASP A 22 5.88 -36.03 -27.87
CA ASP A 22 6.38 -36.23 -26.52
C ASP A 22 6.15 -35.02 -25.63
N LEU A 23 5.65 -33.92 -26.19
CA LEU A 23 5.40 -32.70 -25.44
C LEU A 23 3.91 -32.48 -25.18
N ASP A 24 3.05 -33.35 -25.68
CA ASP A 24 1.61 -33.19 -25.46
C ASP A 24 1.25 -33.44 -23.99
N MET A 25 0.36 -32.61 -23.46
CA MET A 25 -0.15 -32.74 -22.11
C MET A 25 -1.68 -32.72 -22.11
N PRO A 26 -2.32 -33.59 -21.33
CA PRO A 26 -3.78 -33.57 -21.26
C PRO A 26 -4.29 -32.25 -20.71
N ALA A 27 -5.45 -31.81 -21.23
CA ALA A 27 -6.04 -30.55 -20.80
C ALA A 27 -6.43 -30.57 -19.32
N GLU A 28 -6.48 -31.74 -18.69
CA GLU A 28 -6.74 -31.87 -17.26
C GLU A 28 -5.51 -31.56 -16.42
N ASN A 29 -4.37 -31.25 -17.05
CA ASN A 29 -3.17 -30.82 -16.37
C ASN A 29 -2.91 -29.32 -16.50
N ILE A 30 -3.80 -28.59 -17.18
CA ILE A 30 -3.64 -27.16 -17.40
C ILE A 30 -4.93 -26.46 -17.01
N VAL A 31 -4.83 -25.41 -16.19
CA VAL A 31 -5.98 -24.63 -15.79
C VAL A 31 -5.67 -23.15 -16.02
N LEU A 32 -6.70 -22.38 -16.36
CA LEU A 32 -6.57 -20.96 -16.66
C LEU A 32 -7.22 -20.13 -15.57
N ASN A 33 -6.46 -19.20 -14.99
CA ASN A 33 -6.94 -18.30 -13.95
C ASN A 33 -7.11 -16.87 -14.43
N ARG A 34 -6.12 -16.34 -15.14
CA ARG A 34 -5.93 -14.92 -15.31
C ARG A 34 -5.85 -14.57 -16.79
N ARG A 35 -6.03 -13.28 -17.08
CA ARG A 35 -5.70 -12.72 -18.39
C ARG A 35 -4.43 -11.92 -18.20
N VAL A 36 -3.29 -12.55 -18.54
CA VAL A 36 -1.99 -11.93 -18.27
C VAL A 36 -1.76 -10.73 -19.17
N GLY A 37 -2.13 -10.84 -20.44
CA GLY A 37 -1.93 -9.74 -21.37
C GLY A 37 -2.55 -10.07 -22.71
N GLN A 38 -2.56 -9.06 -23.57
CA GLN A 38 -3.06 -9.18 -24.93
C GLN A 38 -1.87 -9.32 -25.88
N GLY A 39 -1.53 -10.56 -26.22
CA GLY A 39 -0.38 -10.83 -27.06
C GLY A 39 -0.60 -10.40 -28.50
N ALA A 40 0.31 -10.89 -29.35
CA ALA A 40 0.26 -10.55 -30.77
C ALA A 40 -0.96 -11.17 -31.43
N PHE A 41 -1.10 -12.49 -31.32
CA PHE A 41 -2.16 -13.25 -32.00
C PHE A 41 -2.94 -14.02 -30.94
N GLY A 42 -3.87 -13.32 -30.29
CA GLY A 42 -4.68 -13.90 -29.23
C GLY A 42 -4.25 -13.40 -27.87
N LEU A 43 -4.96 -13.87 -26.85
CA LEU A 43 -4.67 -13.51 -25.47
C LEU A 43 -3.78 -14.56 -24.84
N VAL A 44 -3.01 -14.13 -23.83
CA VAL A 44 -2.21 -15.02 -23.01
C VAL A 44 -2.85 -15.10 -21.64
N PHE A 45 -2.97 -16.32 -21.11
CA PHE A 45 -3.61 -16.56 -19.84
C PHE A 45 -2.58 -17.04 -18.83
N GLY A 46 -2.89 -16.84 -17.56
CA GLY A 46 -2.01 -17.24 -16.47
C GLY A 46 -2.65 -18.28 -15.58
N GLY A 47 -1.86 -19.26 -15.17
CA GLY A 47 -2.37 -20.32 -14.32
C GLY A 47 -1.31 -21.30 -13.89
N GLU A 48 -1.70 -22.56 -13.74
CA GLU A 48 -0.83 -23.62 -13.25
C GLU A 48 -0.94 -24.85 -14.13
N ALA A 49 0.21 -25.48 -14.40
CA ALA A 49 0.28 -26.69 -15.20
C ALA A 49 1.07 -27.75 -14.44
N LYS A 50 0.61 -28.99 -14.55
CA LYS A 50 1.23 -30.12 -13.86
C LYS A 50 2.05 -30.92 -14.85
N LYS A 51 3.35 -31.00 -14.60
CA LYS A 51 4.26 -31.79 -15.42
C LYS A 51 4.24 -33.26 -15.01
N SER A 52 3.03 -33.80 -14.83
CA SER A 52 2.80 -35.18 -14.41
C SER A 52 3.35 -35.49 -13.01
N ASP A 53 3.96 -34.50 -12.37
CA ASP A 53 4.49 -34.71 -11.02
C ASP A 53 4.01 -33.62 -10.07
N LEU A 54 4.23 -32.37 -10.42
CA LEU A 54 3.89 -31.24 -9.55
C LEU A 54 3.39 -30.08 -10.41
N TRP A 55 2.85 -29.06 -9.73
CA TRP A 55 2.27 -27.91 -10.39
C TRP A 55 3.30 -26.78 -10.45
N GLU A 56 3.16 -25.95 -11.49
CA GLU A 56 4.03 -24.78 -11.65
C GLU A 56 3.20 -23.65 -12.24
N ALA A 57 3.47 -22.43 -11.77
CA ALA A 57 2.79 -21.25 -12.31
C ALA A 57 3.24 -20.99 -13.73
N VAL A 58 2.28 -20.84 -14.64
CA VAL A 58 2.54 -20.85 -16.08
C VAL A 58 1.61 -19.85 -16.77
N ALA A 59 2.11 -19.25 -17.84
CA ALA A 59 1.31 -18.47 -18.78
C ALA A 59 1.16 -19.25 -20.08
N VAL A 60 0.04 -19.06 -20.77
CA VAL A 60 -0.28 -19.84 -21.97
C VAL A 60 -0.68 -18.92 -23.12
N LYS A 61 -0.11 -19.16 -24.29
CA LYS A 61 -0.54 -18.54 -25.53
C LYS A 61 -1.55 -19.45 -26.23
N VAL A 62 -2.71 -18.90 -26.58
CA VAL A 62 -3.82 -19.68 -27.08
C VAL A 62 -4.29 -19.11 -28.42
N ILE A 63 -4.57 -20.01 -29.37
CA ILE A 63 -5.20 -19.66 -30.64
C ILE A 63 -6.30 -20.68 -30.91
N ASN A 64 -7.48 -20.20 -31.31
CA ASN A 64 -8.60 -21.09 -31.55
C ASN A 64 -8.39 -21.93 -32.80
N GLU A 65 -9.13 -23.03 -32.88
CA GLU A 65 -9.00 -23.99 -33.96
C GLU A 65 -9.84 -23.60 -35.17
N LYS A 66 -10.31 -22.34 -35.23
CA LYS A 66 -11.08 -21.83 -36.34
C LYS A 66 -10.23 -21.23 -37.45
N ALA A 67 -9.02 -20.78 -37.12
CA ALA A 67 -8.16 -20.16 -38.12
C ALA A 67 -7.67 -21.20 -39.12
N ASN A 68 -7.03 -20.72 -40.18
CA ASN A 68 -6.51 -21.60 -41.21
C ASN A 68 -5.38 -22.46 -40.65
N TYR A 69 -5.10 -23.56 -41.35
CA TYR A 69 -3.97 -24.39 -40.97
C TYR A 69 -2.66 -23.62 -41.09
N GLU A 70 -2.61 -22.63 -41.99
CA GLU A 70 -1.40 -21.81 -42.14
C GLU A 70 -1.01 -21.16 -40.82
N GLY A 71 -1.99 -20.73 -40.03
CA GLY A 71 -1.71 -20.15 -38.73
C GLY A 71 -1.30 -21.16 -37.69
N LYS A 72 -1.87 -22.37 -37.73
CA LYS A 72 -1.52 -23.39 -36.75
C LYS A 72 -0.10 -23.90 -36.94
N ILE A 73 0.39 -23.92 -38.19
CA ILE A 73 1.77 -24.34 -38.44
C ILE A 73 2.75 -23.37 -37.79
N ASP A 74 2.51 -22.07 -37.96
CA ASP A 74 3.36 -21.08 -37.33
C ASP A 74 3.23 -21.12 -35.81
N PHE A 75 2.03 -21.43 -35.30
CA PHE A 75 1.82 -21.54 -33.86
C PHE A 75 2.68 -22.65 -33.25
N LEU A 76 2.71 -23.81 -33.89
CA LEU A 76 3.51 -24.93 -33.37
C LEU A 76 4.99 -24.77 -33.69
N SER A 77 5.33 -24.03 -34.76
CA SER A 77 6.73 -23.79 -35.08
C SER A 77 7.42 -22.94 -34.02
N GLU A 78 6.67 -22.06 -33.35
CA GLU A 78 7.24 -21.31 -32.24
C GLU A 78 7.67 -22.24 -31.11
N ALA A 79 6.87 -23.26 -30.82
CA ALA A 79 7.21 -24.21 -29.77
C ALA A 79 8.36 -25.13 -30.16
N LYS A 80 8.38 -25.61 -31.42
CA LYS A 80 9.47 -26.47 -31.87
C LYS A 80 10.81 -25.76 -31.78
N LEU A 81 10.85 -24.48 -32.14
CA LEU A 81 12.09 -23.71 -32.00
C LEU A 81 12.42 -23.47 -30.54
N MET A 82 11.40 -23.25 -29.70
CA MET A 82 11.62 -22.97 -28.29
C MET A 82 12.19 -24.17 -27.56
N ARG A 83 11.95 -25.39 -28.04
CA ARG A 83 12.43 -26.56 -27.33
C ARG A 83 13.93 -26.72 -27.48
N SER A 84 14.52 -26.20 -28.55
CA SER A 84 15.95 -26.34 -28.77
C SER A 84 16.80 -25.39 -27.92
N LEU A 85 16.24 -24.79 -26.87
CA LEU A 85 16.95 -23.78 -26.08
C LEU A 85 16.94 -24.12 -24.61
N ASN A 86 18.03 -23.78 -23.92
CA ASN A 86 18.13 -23.96 -22.48
C ASN A 86 19.16 -22.96 -21.96
N HIS A 87 18.70 -21.94 -21.24
CA HIS A 87 19.57 -20.86 -20.79
C HIS A 87 18.85 -20.10 -19.69
N PRO A 88 19.55 -19.65 -18.65
CA PRO A 88 18.87 -18.94 -17.56
C PRO A 88 18.35 -17.57 -17.93
N ASN A 89 18.60 -17.08 -19.15
CA ASN A 89 18.10 -15.78 -19.59
C ASN A 89 17.22 -15.92 -20.84
N VAL A 90 16.71 -17.12 -21.09
CA VAL A 90 15.77 -17.38 -22.17
C VAL A 90 14.55 -18.09 -21.58
N VAL A 91 13.37 -17.61 -21.93
CA VAL A 91 12.14 -18.26 -21.46
C VAL A 91 12.09 -19.65 -22.04
N ARG A 92 11.87 -20.64 -21.18
CA ARG A 92 11.81 -22.03 -21.61
C ARG A 92 10.37 -22.49 -21.53
N LEU A 93 9.94 -23.20 -22.57
CA LEU A 93 8.62 -23.82 -22.54
C LEU A 93 8.70 -25.10 -21.71
N ILE A 94 7.53 -25.63 -21.37
CA ILE A 94 7.44 -26.89 -20.64
C ILE A 94 6.51 -27.89 -21.29
N GLY A 95 5.85 -27.55 -22.39
CA GLY A 95 4.99 -28.48 -23.08
C GLY A 95 3.98 -27.77 -23.95
N ILE A 96 3.13 -28.57 -24.59
CA ILE A 96 2.01 -28.09 -25.39
C ILE A 96 0.80 -28.97 -25.09
N SER A 97 -0.30 -28.71 -25.82
CA SER A 97 -1.54 -29.47 -25.64
C SER A 97 -2.31 -29.47 -26.95
N LEU A 98 -2.53 -30.65 -27.52
CA LEU A 98 -3.05 -30.79 -28.87
C LEU A 98 -4.52 -31.18 -28.86
N ASN A 99 -5.35 -30.40 -29.55
CA ASN A 99 -6.80 -30.56 -29.63
C ASN A 99 -7.53 -30.51 -28.28
N PRO A 100 -7.20 -29.58 -27.34
CA PRO A 100 -8.03 -29.49 -26.14
C PRO A 100 -9.28 -28.68 -26.39
N LYS A 101 -10.40 -29.35 -26.64
CA LYS A 101 -11.69 -28.70 -26.78
C LYS A 101 -11.66 -27.69 -27.94
N ALA A 102 -11.58 -26.40 -27.63
CA ALA A 102 -11.81 -25.36 -28.62
C ALA A 102 -10.55 -24.87 -29.34
N SER A 103 -9.35 -25.17 -28.85
CA SER A 103 -8.18 -24.45 -29.35
C SER A 103 -6.93 -25.31 -29.16
N LEU A 104 -5.77 -24.70 -29.38
CA LEU A 104 -4.46 -25.30 -29.20
C LEU A 104 -3.67 -24.48 -28.19
N TYR A 105 -3.00 -25.14 -27.24
CA TYR A 105 -2.32 -24.48 -26.13
C TYR A 105 -0.82 -24.46 -26.31
N LEU A 106 -0.19 -23.34 -25.98
CA LEU A 106 1.27 -23.20 -25.93
C LEU A 106 1.68 -22.84 -24.51
N ILE A 107 2.38 -23.75 -23.85
CA ILE A 107 2.66 -23.67 -22.41
C ILE A 107 4.10 -23.20 -22.21
N MET A 108 4.27 -22.05 -21.56
CA MET A 108 5.58 -21.48 -21.29
C MET A 108 5.58 -20.88 -19.89
N GLU A 109 6.74 -20.95 -19.23
CA GLU A 109 6.84 -20.59 -17.81
C GLU A 109 6.36 -19.16 -17.58
N LEU A 110 5.91 -18.91 -16.36
CA LEU A 110 5.32 -17.62 -15.99
C LEU A 110 6.40 -16.67 -15.50
N MET A 111 6.46 -15.49 -16.12
CA MET A 111 7.30 -14.41 -15.64
C MET A 111 6.41 -13.46 -14.84
N LEU A 112 6.68 -13.37 -13.53
CA LEU A 112 5.72 -12.77 -12.61
C LEU A 112 5.52 -11.28 -12.87
N LEU A 113 6.60 -10.56 -13.15
CA LEU A 113 6.56 -9.10 -13.22
C LEU A 113 6.35 -8.58 -14.64
N GLY A 114 5.84 -9.41 -15.54
CA GLY A 114 5.50 -8.97 -16.88
C GLY A 114 6.72 -8.64 -17.73
N ASP A 115 6.47 -7.89 -18.80
CA ASP A 115 7.52 -7.50 -19.74
C ASP A 115 8.32 -6.31 -19.19
N LEU A 116 9.32 -5.88 -19.95
CA LEU A 116 10.21 -4.82 -19.51
C LEU A 116 9.68 -3.42 -19.80
N LYS A 117 8.93 -3.23 -20.89
CA LYS A 117 8.46 -1.90 -21.24
C LYS A 117 7.41 -1.42 -20.26
N THR A 118 6.39 -2.24 -20.02
CA THR A 118 5.40 -1.90 -19.00
C THR A 118 6.04 -1.83 -17.62
N TYR A 119 7.09 -2.62 -17.39
CA TYR A 119 7.85 -2.52 -16.15
C TYR A 119 8.37 -1.11 -15.94
N LEU A 120 9.16 -0.61 -16.90
CA LEU A 120 9.75 0.72 -16.76
C LEU A 120 8.70 1.82 -16.78
N LEU A 121 7.68 1.67 -17.63
CA LEU A 121 6.64 2.70 -17.71
C LEU A 121 5.88 2.86 -16.40
N SER A 122 5.77 1.80 -15.60
CA SER A 122 5.08 1.86 -14.32
C SER A 122 5.98 2.31 -13.18
N ARG A 123 7.29 2.12 -13.29
CA ARG A 123 8.24 2.55 -12.27
C ARG A 123 9.04 3.77 -12.74
N ARG A 124 8.38 4.70 -13.43
CA ARG A 124 9.08 5.88 -13.91
C ARG A 124 9.24 6.92 -12.81
N ILE A 125 8.12 7.34 -12.21
CA ILE A 125 8.20 8.35 -11.15
C ILE A 125 8.98 7.81 -9.97
N LEU A 126 9.00 6.49 -9.79
CA LEU A 126 9.82 5.91 -8.73
C LEU A 126 11.29 6.22 -8.95
N ALA A 127 11.71 6.40 -10.20
CA ALA A 127 13.09 6.77 -10.48
C ALA A 127 13.36 8.23 -10.17
N GLN A 128 12.37 9.09 -10.38
CA GLN A 128 12.55 10.52 -10.11
C GLN A 128 12.45 10.85 -8.63
N ARG A 129 11.77 10.03 -7.82
CA ARG A 129 11.63 10.27 -6.38
C ARG A 129 12.49 9.39 -5.52
N SER A 130 12.83 8.18 -5.96
CA SER A 130 13.70 7.27 -5.22
C SER A 130 14.67 6.64 -6.20
N PRO A 131 15.66 7.41 -6.67
CA PRO A 131 16.54 6.94 -7.75
C PRO A 131 17.45 5.78 -7.37
N ASN A 132 17.59 5.46 -6.09
CA ASN A 132 18.40 4.33 -5.64
C ASN A 132 17.44 3.34 -5.00
N HIS A 133 16.77 2.56 -5.85
CA HIS A 133 15.81 1.56 -5.45
C HIS A 133 16.21 0.20 -6.02
N GLU A 134 15.95 -0.86 -5.25
CA GLU A 134 16.36 -2.19 -5.67
C GLU A 134 15.77 -2.60 -7.02
N ASP A 135 14.71 -1.93 -7.47
CA ASP A 135 14.10 -2.28 -8.75
C ASP A 135 14.79 -1.58 -9.93
N ILE A 136 15.19 -0.34 -9.74
CA ILE A 136 15.47 0.56 -10.86
C ILE A 136 16.76 1.34 -10.69
N ARG A 137 17.73 0.75 -10.00
CA ARG A 137 19.01 1.40 -9.84
C ARG A 137 20.04 0.81 -10.79
N PRO A 138 21.10 1.56 -11.11
CA PRO A 138 22.09 1.07 -12.10
C PRO A 138 22.69 -0.29 -11.76
N SER A 139 22.69 -0.69 -10.49
CA SER A 139 23.11 -2.04 -10.15
C SER A 139 22.22 -3.07 -10.82
N THR A 140 20.91 -2.83 -10.80
CA THR A 140 19.93 -3.76 -11.36
C THR A 140 19.71 -3.56 -12.85
N LEU A 141 19.70 -2.30 -13.31
CA LEU A 141 19.49 -2.05 -14.74
C LEU A 141 20.63 -2.59 -15.58
N THR A 142 21.87 -2.46 -15.08
CA THR A 142 23.01 -3.02 -15.80
C THR A 142 22.96 -4.54 -15.82
N GLN A 143 22.60 -5.17 -14.69
CA GLN A 143 22.48 -6.62 -14.68
C GLN A 143 21.34 -7.10 -15.57
N MET A 144 20.26 -6.32 -15.66
CA MET A 144 19.16 -6.66 -16.57
C MET A 144 19.61 -6.64 -18.02
N SER A 145 20.16 -5.50 -18.46
CA SER A 145 20.67 -5.41 -19.83
C SER A 145 21.74 -6.46 -20.09
N MET A 146 22.49 -6.82 -19.05
CA MET A 146 23.51 -7.87 -19.21
C MET A 146 22.86 -9.23 -19.40
N ASP A 147 21.76 -9.50 -18.69
CA ASP A 147 21.05 -10.77 -18.88
C ASP A 147 20.44 -10.86 -20.27
N ILE A 148 19.90 -9.75 -20.78
CA ILE A 148 19.39 -9.76 -22.16
C ILE A 148 20.53 -10.00 -23.14
N GLY A 149 21.70 -9.43 -22.85
CA GLY A 149 22.82 -9.57 -23.78
C GLY A 149 23.34 -10.98 -23.88
N GLN A 150 23.60 -11.63 -22.74
CA GLN A 150 24.09 -13.00 -22.78
C GLN A 150 23.02 -13.98 -23.22
N GLY A 151 21.74 -13.64 -23.05
CA GLY A 151 20.69 -14.47 -23.62
C GLY A 151 20.64 -14.40 -25.14
N LEU A 152 20.82 -13.19 -25.69
CA LEU A 152 20.94 -13.05 -27.14
C LEU A 152 22.25 -13.64 -27.66
N ALA A 153 23.31 -13.57 -26.86
CA ALA A 153 24.55 -14.22 -27.23
C ALA A 153 24.40 -15.73 -27.27
N TYR A 154 23.56 -16.29 -26.38
CA TYR A 154 23.27 -17.72 -26.45
C TYR A 154 22.53 -18.06 -27.73
N LEU A 155 21.58 -17.22 -28.13
CA LEU A 155 20.87 -17.45 -29.39
C LEU A 155 21.83 -17.41 -30.57
N HIS A 156 22.71 -16.40 -30.60
CA HIS A 156 23.67 -16.28 -31.70
C HIS A 156 24.68 -17.41 -31.68
N SER A 157 24.96 -17.97 -30.49
CA SER A 157 25.93 -19.06 -30.41
C SER A 157 25.44 -20.30 -31.15
N LYS A 158 24.14 -20.60 -31.08
CA LYS A 158 23.56 -21.75 -31.75
C LYS A 158 22.99 -21.42 -33.13
N HIS A 159 23.54 -20.41 -33.80
CA HIS A 159 23.17 -20.06 -35.18
C HIS A 159 21.69 -19.70 -35.29
N LEU A 160 21.30 -18.68 -34.52
CA LEU A 160 19.95 -18.13 -34.55
C LEU A 160 20.01 -16.61 -34.67
N ILE A 161 19.01 -16.06 -35.34
CA ILE A 161 18.83 -14.61 -35.47
C ILE A 161 17.42 -14.27 -34.98
N HIS A 162 17.32 -13.33 -34.05
CA HIS A 162 16.05 -13.02 -33.42
C HIS A 162 15.24 -12.03 -34.23
N ARG A 163 15.91 -11.02 -34.81
CA ARG A 163 15.30 -10.00 -35.65
C ARG A 163 14.25 -9.15 -34.95
N ASP A 164 14.03 -9.35 -33.65
CA ASP A 164 12.99 -8.58 -32.98
C ASP A 164 13.38 -8.40 -31.51
N ILE A 165 14.37 -7.55 -31.28
CA ILE A 165 14.86 -7.22 -29.94
C ILE A 165 14.24 -5.90 -29.52
N ALA A 166 13.41 -5.93 -28.49
CA ALA A 166 12.79 -4.73 -27.95
C ALA A 166 12.35 -5.04 -26.52
N CYS A 167 11.99 -3.99 -25.80
CA CYS A 167 11.54 -4.14 -24.42
C CYS A 167 10.21 -4.86 -24.30
N ARG A 168 9.51 -5.10 -25.41
CA ARG A 168 8.26 -5.84 -25.37
C ARG A 168 8.46 -7.34 -25.29
N ASN A 169 9.60 -7.83 -25.77
CA ASN A 169 9.88 -9.25 -25.83
C ASN A 169 10.87 -9.69 -24.76
N CYS A 170 11.06 -8.88 -23.72
CA CYS A 170 11.93 -9.23 -22.60
C CYS A 170 11.10 -9.22 -21.32
N LEU A 171 10.96 -10.39 -20.71
CA LEU A 171 10.12 -10.54 -19.53
C LEU A 171 10.99 -10.64 -18.27
N VAL A 172 10.48 -10.10 -17.18
CA VAL A 172 11.15 -10.14 -15.88
C VAL A 172 10.31 -10.95 -14.91
N ALA A 173 10.97 -11.69 -14.02
CA ALA A 173 10.30 -12.55 -13.05
C ALA A 173 10.43 -11.95 -11.66
N ALA A 174 9.91 -12.68 -10.67
CA ALA A 174 10.02 -12.23 -9.29
C ALA A 174 11.47 -12.13 -8.84
N ASP A 175 12.34 -12.98 -9.40
CA ASP A 175 13.77 -12.88 -9.16
C ASP A 175 14.36 -11.59 -9.71
N ARG A 176 13.57 -10.80 -10.44
CA ARG A 176 13.99 -9.57 -11.10
C ARG A 176 15.11 -9.83 -12.09
N THR A 177 15.26 -11.08 -12.51
CA THR A 177 16.11 -11.43 -13.65
C THR A 177 15.26 -11.40 -14.91
N VAL A 178 15.84 -10.91 -15.99
CA VAL A 178 15.12 -10.72 -17.24
C VAL A 178 15.49 -11.82 -18.22
N LYS A 179 14.55 -12.17 -19.09
CA LYS A 179 14.72 -13.25 -20.05
C LYS A 179 14.15 -12.83 -21.40
N ILE A 180 14.62 -13.51 -22.46
CA ILE A 180 14.13 -13.27 -23.83
C ILE A 180 12.79 -13.98 -24.01
N GLY A 181 11.81 -13.26 -24.56
CA GLY A 181 10.44 -13.72 -24.50
C GLY A 181 9.78 -14.23 -25.77
N ASP A 182 9.83 -13.47 -26.85
CA ASP A 182 9.06 -13.76 -28.06
C ASP A 182 9.98 -14.24 -29.17
N PHE A 183 9.62 -15.35 -29.79
CA PHE A 183 10.37 -15.90 -30.91
C PHE A 183 9.46 -16.13 -32.11
N GLY A 184 8.48 -15.24 -32.29
CA GLY A 184 7.58 -15.34 -33.44
C GLY A 184 8.24 -15.03 -34.75
N LEU A 185 9.33 -14.26 -34.73
CA LEU A 185 10.02 -13.81 -35.93
C LEU A 185 11.43 -14.39 -36.05
N THR A 186 11.79 -15.31 -35.17
CA THR A 186 13.15 -15.85 -35.15
C THR A 186 13.35 -16.82 -36.31
N ARG A 187 14.43 -16.63 -37.07
CA ARG A 187 14.81 -17.50 -38.17
C ARG A 187 16.21 -18.08 -37.92
N GLN A 188 16.70 -18.82 -38.92
CA GLN A 188 18.00 -19.47 -38.84
C GLN A 188 19.11 -18.49 -39.22
N ALA A 189 20.35 -18.94 -39.06
CA ALA A 189 21.52 -18.10 -39.35
C ALA A 189 21.92 -18.20 -40.81
N ALA A 190 22.70 -17.23 -41.25
CA ALA A 190 23.16 -17.17 -42.63
C ALA A 190 24.56 -17.74 -42.75
N LEU A 206 5.88 -5.39 -38.79
CA LEU A 206 7.35 -5.34 -38.83
C LEU A 206 7.88 -4.24 -37.91
N PRO A 207 8.90 -4.59 -37.09
CA PRO A 207 9.55 -3.63 -36.18
C PRO A 207 10.68 -2.81 -36.83
N ILE A 208 10.29 -1.83 -37.65
CA ILE A 208 11.28 -1.09 -38.44
C ILE A 208 12.20 -0.26 -37.55
N ARG A 209 11.67 0.32 -36.47
CA ARG A 209 12.50 1.15 -35.60
C ARG A 209 13.60 0.37 -34.90
N TRP A 210 13.43 -0.94 -34.72
CA TRP A 210 14.44 -1.81 -34.13
C TRP A 210 15.24 -2.59 -35.17
N MET A 211 15.39 -2.05 -36.38
CA MET A 211 16.04 -2.75 -37.47
C MET A 211 17.10 -1.88 -38.11
N SER A 212 18.28 -2.45 -38.33
CA SER A 212 19.35 -1.72 -38.98
C SER A 212 18.99 -1.46 -40.45
N PRO A 213 19.55 -0.40 -41.04
CA PRO A 213 19.22 -0.07 -42.44
C PRO A 213 19.61 -1.15 -43.44
N GLU A 214 20.64 -1.93 -43.15
CA GLU A 214 20.98 -3.05 -44.02
C GLU A 214 19.92 -4.15 -43.99
N ALA A 215 19.01 -4.11 -43.03
CA ALA A 215 17.90 -5.04 -42.96
C ALA A 215 16.59 -4.46 -43.45
N VAL A 216 16.50 -3.13 -43.55
CA VAL A 216 15.25 -2.50 -43.99
C VAL A 216 15.14 -2.49 -45.51
N GLN A 217 16.10 -1.83 -46.17
CA GLN A 217 16.06 -1.72 -47.63
C GLN A 217 16.54 -2.99 -48.31
N PHE A 218 17.22 -3.88 -47.60
CA PHE A 218 17.80 -5.06 -48.20
C PHE A 218 17.22 -6.36 -47.71
N GLY A 219 16.52 -6.36 -46.57
CA GLY A 219 15.90 -7.57 -46.08
C GLY A 219 16.85 -8.65 -45.62
N VAL A 220 18.12 -8.33 -45.43
CA VAL A 220 19.10 -9.30 -44.94
C VAL A 220 19.32 -9.03 -43.46
N PHE A 221 19.41 -10.12 -42.70
CA PHE A 221 19.58 -10.05 -41.26
C PHE A 221 20.88 -10.75 -40.87
N SER A 222 21.50 -10.25 -39.81
CA SER A 222 22.76 -10.79 -39.34
C SER A 222 22.88 -10.52 -37.85
N ILE A 223 24.00 -10.93 -37.27
CA ILE A 223 24.26 -10.64 -35.88
C ILE A 223 24.30 -9.12 -35.66
N GLN A 224 24.86 -8.40 -36.63
CA GLN A 224 24.96 -6.94 -36.53
C GLN A 224 23.59 -6.26 -36.54
N SER A 225 22.62 -6.84 -37.26
CA SER A 225 21.27 -6.30 -37.22
C SER A 225 20.64 -6.48 -35.85
N ASP A 226 20.91 -7.62 -35.21
CA ASP A 226 20.44 -7.85 -33.85
C ASP A 226 21.16 -6.95 -32.85
N ILE A 227 22.42 -6.61 -33.11
CA ILE A 227 23.14 -5.68 -32.26
C ILE A 227 22.56 -4.28 -32.40
N TRP A 228 22.11 -3.91 -33.60
CA TRP A 228 21.43 -2.63 -33.79
C TRP A 228 20.17 -2.55 -32.93
N SER A 229 19.34 -3.60 -32.97
CA SER A 229 18.13 -3.62 -32.15
C SER A 229 18.47 -3.66 -30.66
N PHE A 230 19.61 -4.25 -30.30
CA PHE A 230 20.01 -4.27 -28.90
C PHE A 230 20.37 -2.86 -28.42
N GLY A 231 21.09 -2.11 -29.26
CA GLY A 231 21.38 -0.72 -28.93
C GLY A 231 20.13 0.12 -28.85
N ILE A 232 19.14 -0.15 -29.71
CA ILE A 232 17.86 0.54 -29.62
C ILE A 232 17.15 0.19 -28.33
N THR A 233 17.24 -1.07 -27.91
CA THR A 233 16.66 -1.46 -26.63
C THR A 233 17.34 -0.73 -25.48
N LEU A 234 18.66 -0.54 -25.56
CA LEU A 234 19.37 0.19 -24.53
C LEU A 234 18.90 1.63 -24.45
N TYR A 235 18.68 2.27 -25.61
CA TYR A 235 18.08 3.61 -25.60
C TYR A 235 16.68 3.56 -25.04
N GLU A 236 15.95 2.49 -25.32
CA GLU A 236 14.60 2.33 -24.78
C GLU A 236 14.62 2.13 -23.28
N ILE A 237 15.71 1.60 -22.73
CA ILE A 237 15.80 1.31 -21.31
C ILE A 237 16.25 2.54 -20.53
N ILE A 238 17.30 3.21 -20.98
CA ILE A 238 17.81 4.37 -20.27
C ILE A 238 16.82 5.53 -20.28
N THR A 239 15.87 5.53 -21.22
CA THR A 239 14.79 6.51 -21.25
C THR A 239 13.51 6.00 -20.60
N PHE A 240 13.52 4.76 -20.09
CA PHE A 240 12.39 4.14 -19.41
C PHE A 240 11.17 4.00 -20.31
N GLY A 241 11.41 3.75 -21.60
CA GLY A 241 10.35 3.26 -22.48
C GLY A 241 9.84 4.20 -23.54
N VAL A 242 10.66 5.14 -23.99
CA VAL A 242 10.18 6.07 -25.01
C VAL A 242 10.11 5.35 -26.35
N PHE A 243 9.22 5.82 -27.21
CA PHE A 243 9.04 5.22 -28.53
C PHE A 243 10.16 5.70 -29.45
N PRO A 244 10.96 4.79 -30.02
CA PRO A 244 12.16 5.21 -30.74
C PRO A 244 11.85 6.15 -31.90
N TYR A 245 12.66 7.20 -32.02
CA TYR A 245 12.42 8.28 -32.98
C TYR A 245 11.02 8.87 -32.79
N ASN A 246 10.71 9.22 -31.55
CA ASN A 246 9.38 9.73 -31.23
C ASN A 246 9.15 11.07 -31.92
N GLY A 247 8.04 11.17 -32.65
CA GLY A 247 7.72 12.34 -33.43
C GLY A 247 7.92 12.18 -34.93
N LEU A 248 8.51 11.06 -35.36
CA LEU A 248 8.75 10.80 -36.77
C LEU A 248 7.91 9.61 -37.21
N GLY A 249 7.15 9.81 -38.28
CA GLY A 249 6.35 8.72 -38.81
C GLY A 249 7.21 7.60 -39.36
N ASP A 250 6.57 6.45 -39.57
CA ASP A 250 7.28 5.28 -40.08
C ASP A 250 7.78 5.47 -41.51
N VAL A 251 7.33 6.53 -42.21
CA VAL A 251 7.72 6.77 -43.59
C VAL A 251 8.91 7.74 -43.63
N GLU A 252 9.01 8.59 -42.61
CA GLU A 252 10.13 9.52 -42.54
C GLU A 252 11.42 8.86 -42.04
N VAL A 253 11.30 7.71 -41.37
CA VAL A 253 12.47 7.06 -40.80
C VAL A 253 13.20 6.16 -41.79
N VAL A 254 12.49 5.60 -42.77
CA VAL A 254 13.14 4.72 -43.74
C VAL A 254 14.07 5.50 -44.65
N GLU A 255 13.88 6.80 -44.78
CA GLU A 255 14.74 7.65 -45.58
C GLU A 255 15.82 8.37 -44.76
N ARG A 256 15.60 8.54 -43.46
CA ARG A 256 16.51 9.31 -42.62
C ARG A 256 17.64 8.46 -42.06
N VAL A 257 17.42 7.15 -41.87
CA VAL A 257 18.45 6.30 -41.28
C VAL A 257 19.43 5.76 -42.30
N LYS A 258 19.12 5.86 -43.60
CA LYS A 258 20.03 5.35 -44.64
C LYS A 258 21.19 6.30 -44.89
N ARG A 259 20.89 7.61 -44.90
CA ARG A 259 21.84 8.65 -45.26
C ARG A 259 22.64 9.16 -44.06
N MET A 260 22.73 8.37 -43.00
CA MET A 260 23.39 8.70 -41.74
C MET A 260 23.09 10.15 -41.35
N GLU A 261 21.85 10.40 -40.96
CA GLU A 261 21.44 11.63 -40.28
C GLU A 261 20.82 11.25 -38.94
N PHE A 262 21.37 11.81 -37.86
CA PHE A 262 20.83 11.63 -36.52
C PHE A 262 20.75 10.17 -36.12
N SER A 263 21.83 9.64 -35.58
CA SER A 263 21.75 8.37 -34.86
C SER A 263 20.83 8.53 -33.66
N ILE A 264 20.36 7.39 -33.13
CA ILE A 264 19.38 7.41 -32.05
C ILE A 264 19.88 8.21 -30.84
N THR A 265 21.19 8.44 -30.75
CA THR A 265 21.76 9.15 -29.61
C THR A 265 21.31 10.61 -29.55
N GLU A 266 20.92 11.20 -30.69
CA GLU A 266 20.50 12.60 -30.69
C GLU A 266 19.18 12.80 -29.97
N PHE A 267 18.37 11.75 -29.82
CA PHE A 267 17.07 11.83 -29.15
C PHE A 267 17.18 11.73 -27.63
N LEU A 268 18.38 11.86 -27.08
CA LEU A 268 18.60 11.75 -25.64
C LEU A 268 18.49 13.11 -24.99
N PRO A 269 18.25 13.15 -23.68
CA PRO A 269 18.33 14.42 -22.94
C PRO A 269 19.75 14.95 -22.98
N PRO A 270 19.95 16.24 -22.68
CA PRO A 270 21.32 16.78 -22.67
C PRO A 270 22.22 16.19 -21.60
N GLN A 271 21.67 15.48 -20.61
CA GLN A 271 22.50 14.83 -19.61
C GLN A 271 23.34 13.69 -20.18
N ALA A 272 23.05 13.24 -21.39
CA ALA A 272 23.87 12.25 -22.05
C ALA A 272 24.92 12.94 -22.92
N LEU A 273 25.32 12.30 -24.01
CA LEU A 273 26.31 12.80 -24.98
C LEU A 273 27.70 13.00 -24.37
N ASN A 274 27.90 12.60 -23.12
CA ASN A 274 29.24 12.53 -22.55
C ASN A 274 29.42 11.23 -21.77
N THR A 275 28.41 10.36 -21.74
CA THR A 275 28.40 9.17 -20.93
C THR A 275 29.01 7.99 -21.67
N VAL A 276 29.10 6.87 -20.97
CA VAL A 276 29.58 5.62 -21.56
C VAL A 276 28.45 4.86 -22.27
N VAL A 277 27.20 5.02 -21.81
CA VAL A 277 26.09 4.34 -22.47
C VAL A 277 25.76 5.00 -23.80
N CYS A 278 25.93 6.31 -23.90
CA CYS A 278 25.65 7.02 -25.15
C CYS A 278 26.60 6.57 -26.26
N GLU A 279 27.89 6.48 -25.96
CA GLU A 279 28.85 5.97 -26.93
C GLU A 279 28.57 4.51 -27.28
N LEU A 280 28.26 3.69 -26.26
CA LEU A 280 28.02 2.27 -26.49
C LEU A 280 26.91 2.02 -27.51
N ILE A 281 25.73 2.58 -27.27
CA ILE A 281 24.62 2.41 -28.21
C ILE A 281 24.93 3.09 -29.54
N ASN A 282 25.87 4.03 -29.55
CA ASN A 282 26.30 4.64 -30.81
C ASN A 282 27.25 3.73 -31.58
N HIS A 283 28.09 2.96 -30.88
CA HIS A 283 28.91 1.96 -31.56
C HIS A 283 28.10 0.72 -31.93
N CYS A 284 27.12 0.34 -31.10
CA CYS A 284 26.24 -0.77 -31.45
C CYS A 284 25.31 -0.41 -32.59
N CYS A 285 25.04 0.88 -32.79
CA CYS A 285 24.17 1.36 -33.84
C CYS A 285 25.00 2.23 -34.76
N LYS A 286 25.75 1.59 -35.65
CA LYS A 286 26.51 2.30 -36.67
C LYS A 286 26.07 1.79 -38.02
N HIS A 287 25.88 2.71 -38.96
CA HIS A 287 25.47 2.33 -40.32
C HIS A 287 26.46 1.36 -40.94
N GLN A 288 27.74 1.70 -40.88
CA GLN A 288 28.80 0.80 -41.34
C GLN A 288 28.86 -0.40 -40.42
N TRP A 289 28.21 -1.49 -40.81
CA TRP A 289 28.19 -2.69 -39.97
C TRP A 289 29.58 -3.33 -39.88
N GLN A 290 30.52 -2.94 -40.73
CA GLN A 290 31.90 -3.36 -40.57
C GLN A 290 32.54 -2.74 -39.33
N HIS A 291 31.94 -1.68 -38.78
CA HIS A 291 32.39 -1.07 -37.54
C HIS A 291 31.64 -1.59 -36.32
N ARG A 292 30.46 -2.17 -36.52
CA ARG A 292 29.70 -2.72 -35.42
C ARG A 292 30.43 -3.94 -34.84
N PRO A 293 30.18 -4.27 -33.57
CA PRO A 293 30.84 -5.42 -32.97
C PRO A 293 30.53 -6.71 -33.73
N SER A 294 31.57 -7.53 -33.93
CA SER A 294 31.39 -8.78 -34.66
C SER A 294 30.63 -9.82 -33.86
N SER A 295 30.52 -9.65 -32.54
CA SER A 295 29.80 -10.60 -31.71
C SER A 295 29.24 -9.86 -30.50
N MET A 296 28.27 -10.49 -29.85
CA MET A 296 27.66 -9.89 -28.67
C MET A 296 28.64 -9.83 -27.50
N ASN A 297 29.71 -10.62 -27.53
CA ASN A 297 30.65 -10.67 -26.42
C ASN A 297 31.49 -9.40 -26.30
N GLN A 298 31.70 -8.66 -27.39
CA GLN A 298 32.35 -7.36 -27.27
C GLN A 298 31.52 -6.41 -26.42
N VAL A 299 30.20 -6.46 -26.54
CA VAL A 299 29.33 -5.60 -25.74
C VAL A 299 29.26 -6.10 -24.30
N LEU A 300 29.22 -7.41 -24.10
CA LEU A 300 29.09 -7.97 -22.76
C LEU A 300 30.31 -7.63 -21.91
N GLU A 301 31.51 -7.76 -22.48
CA GLU A 301 32.73 -7.47 -21.73
C GLU A 301 32.83 -5.99 -21.37
N VAL A 302 32.07 -5.12 -22.05
CA VAL A 302 32.02 -3.71 -21.64
C VAL A 302 31.22 -3.55 -20.36
N LEU A 303 30.11 -4.29 -20.24
CA LEU A 303 29.22 -4.20 -19.09
C LEU A 303 29.86 -4.71 -17.81
N ILE A 304 31.12 -5.14 -17.84
CA ILE A 304 31.83 -5.55 -16.64
C ILE A 304 32.87 -4.52 -16.20
N ALA A 305 33.47 -3.79 -17.14
CA ALA A 305 34.42 -2.73 -16.78
C ALA A 305 33.71 -1.48 -16.27
N TYR A 306 32.47 -1.26 -16.67
CA TYR A 306 31.66 -0.11 -16.23
C TYR A 306 30.33 -0.66 -15.75
N PRO A 307 30.25 -1.11 -14.50
CA PRO A 307 29.04 -1.79 -14.03
C PRO A 307 27.86 -0.87 -13.74
N ASP A 308 28.05 0.44 -13.75
CA ASP A 308 26.96 1.39 -13.53
C ASP A 308 26.66 2.20 -14.79
N CYS A 309 26.93 1.63 -15.97
CA CYS A 309 26.71 2.35 -17.22
C CYS A 309 25.23 2.63 -17.45
N ILE A 310 24.37 1.63 -17.28
CA ILE A 310 22.94 1.80 -17.50
C ILE A 310 22.37 2.66 -16.38
N ARG A 311 22.10 3.92 -16.69
CA ARG A 311 21.56 4.88 -15.75
C ARG A 311 20.23 5.40 -16.26
N PRO A 312 19.34 5.80 -15.36
CA PRO A 312 18.06 6.40 -15.78
C PRO A 312 18.25 7.86 -16.18
N PHE A 313 18.04 8.14 -17.47
CA PHE A 313 18.10 9.50 -18.00
C PHE A 313 16.69 9.87 -18.46
N LEU A 314 16.04 10.73 -17.69
CA LEU A 314 14.63 11.03 -17.87
C LEU A 314 14.41 12.52 -17.97
N THR A 315 13.18 12.89 -18.28
CA THR A 315 12.72 14.27 -18.34
C THR A 315 11.57 14.47 -17.36
N ASP A 316 11.04 15.68 -17.33
CA ASP A 316 9.89 15.98 -16.49
C ASP A 316 8.56 15.78 -17.21
N ASP A 317 8.60 15.34 -18.46
CA ASP A 317 7.39 15.07 -19.22
C ASP A 317 7.40 13.61 -19.69
N PRO A 318 6.47 12.78 -19.23
CA PRO A 318 6.48 11.35 -19.59
C PRO A 318 6.31 11.16 -21.09
N PRO A 319 6.70 10.01 -21.61
CA PRO A 319 6.57 9.77 -23.06
C PRO A 319 5.13 9.57 -23.48
N LYS A 320 4.85 9.99 -24.72
CA LYS A 320 3.53 9.91 -25.31
C LYS A 320 3.52 8.85 -26.41
N PRO A 321 2.85 7.71 -26.22
CA PRO A 321 2.79 6.68 -27.27
C PRO A 321 1.88 7.06 -28.44
N ARG B 10 -29.29 13.31 -18.68
CA ARG B 10 -29.87 14.45 -19.36
C ARG B 10 -29.54 15.71 -18.56
N LYS B 11 -30.56 16.41 -18.07
CA LYS B 11 -30.34 17.57 -17.21
C LYS B 11 -29.66 17.22 -15.89
N PRO B 12 -29.92 16.07 -15.25
CA PRO B 12 -29.13 15.71 -14.06
C PRO B 12 -27.62 15.80 -14.28
N PHE B 13 -27.11 15.16 -15.32
CA PHE B 13 -25.68 15.21 -15.61
C PHE B 13 -25.22 16.63 -15.89
N GLU B 14 -26.01 17.39 -16.67
CA GLU B 14 -25.64 18.76 -17.01
C GLU B 14 -25.50 19.62 -15.77
N GLU B 15 -26.39 19.44 -14.80
CA GLU B 15 -26.28 20.19 -13.55
C GLU B 15 -25.22 19.61 -12.63
N LEU B 16 -25.02 18.29 -12.68
CA LEU B 16 -24.12 17.63 -11.74
C LEU B 16 -22.66 17.90 -12.06
N CYS B 17 -22.33 18.30 -13.29
CA CYS B 17 -20.94 18.53 -13.65
C CYS B 17 -20.29 19.66 -12.86
N THR B 18 -21.06 20.45 -12.12
CA THR B 18 -20.56 21.71 -11.58
C THR B 18 -20.04 21.58 -10.15
N GLU B 19 -20.67 20.75 -9.31
CA GLU B 19 -20.01 20.45 -8.03
C GLU B 19 -18.78 19.56 -8.24
N LEU B 20 -18.50 19.24 -9.51
CA LEU B 20 -17.36 18.43 -9.92
C LEU B 20 -16.42 19.19 -10.84
N ALA B 21 -16.54 20.51 -10.93
CA ALA B 21 -15.69 21.32 -11.79
C ALA B 21 -14.45 21.86 -11.09
N ASP B 22 -14.28 21.59 -9.80
CA ASP B 22 -13.10 22.03 -9.05
C ASP B 22 -12.00 20.98 -9.00
N LEU B 23 -12.25 19.77 -9.53
CA LEU B 23 -11.24 18.73 -9.61
C LEU B 23 -11.08 18.24 -11.04
N ASP B 24 -11.72 18.88 -12.00
CA ASP B 24 -11.59 18.50 -13.40
C ASP B 24 -10.20 18.88 -13.91
N MET B 25 -9.41 17.87 -14.29
CA MET B 25 -8.11 18.14 -14.87
C MET B 25 -8.19 18.06 -16.38
N PRO B 26 -7.63 19.01 -17.12
CA PRO B 26 -7.70 18.94 -18.58
C PRO B 26 -6.97 17.71 -19.10
N ALA B 27 -7.37 17.26 -20.29
CA ALA B 27 -6.76 16.11 -20.94
C ALA B 27 -5.31 16.35 -21.33
N GLU B 28 -4.82 17.58 -21.19
CA GLU B 28 -3.45 17.93 -21.53
C GLU B 28 -2.46 17.55 -20.43
N ASN B 29 -2.94 17.25 -19.23
CA ASN B 29 -2.09 16.93 -18.09
C ASN B 29 -1.99 15.44 -17.80
N ILE B 30 -2.80 14.61 -18.46
CA ILE B 30 -2.78 13.17 -18.23
C ILE B 30 -2.22 12.48 -19.47
N VAL B 31 -1.54 11.36 -19.24
CA VAL B 31 -0.98 10.55 -20.31
C VAL B 31 -1.15 9.08 -19.96
N LEU B 32 -1.60 8.30 -20.93
CA LEU B 32 -1.87 6.87 -20.75
C LEU B 32 -1.00 6.08 -21.71
N ASN B 33 -0.33 5.05 -21.18
CA ASN B 33 0.59 4.27 -21.98
C ASN B 33 0.51 2.76 -21.71
N ARG B 34 -0.38 2.31 -20.82
CA ARG B 34 -0.46 0.89 -20.50
C ARG B 34 -1.90 0.46 -20.32
N ARG B 35 -2.15 -0.82 -20.61
CA ARG B 35 -3.40 -1.47 -20.23
C ARG B 35 -3.21 -2.09 -18.86
N VAL B 36 -4.12 -1.81 -17.94
CA VAL B 36 -4.02 -2.32 -16.57
C VAL B 36 -4.93 -3.52 -16.35
N GLY B 37 -6.16 -3.45 -16.83
CA GLY B 37 -7.09 -4.55 -16.67
C GLY B 37 -8.40 -4.23 -17.35
N GLN B 38 -9.27 -5.23 -17.37
CA GLN B 38 -10.62 -5.10 -17.95
C GLN B 38 -11.60 -4.96 -16.80
N GLY B 39 -11.91 -3.71 -16.45
CA GLY B 39 -12.78 -3.43 -15.33
C GLY B 39 -14.23 -3.82 -15.60
N ALA B 40 -15.09 -3.34 -14.72
CA ALA B 40 -16.51 -3.69 -14.79
C ALA B 40 -17.16 -3.11 -16.05
N PHE B 41 -17.09 -1.78 -16.21
CA PHE B 41 -17.74 -1.07 -17.31
C PHE B 41 -16.66 -0.31 -18.09
N GLY B 42 -15.97 -1.03 -18.96
CA GLY B 42 -14.91 -0.46 -19.77
C GLY B 42 -13.54 -0.94 -19.30
N LEU B 43 -12.52 -0.46 -20.01
CA LEU B 43 -11.14 -0.80 -19.70
C LEU B 43 -10.56 0.21 -18.72
N VAL B 44 -9.50 -0.21 -18.03
CA VAL B 44 -8.72 0.68 -17.17
C VAL B 44 -7.30 0.74 -17.71
N PHE B 45 -6.76 1.95 -17.76
CA PHE B 45 -5.42 2.19 -18.30
C PHE B 45 -4.50 2.71 -17.21
N GLY B 46 -3.21 2.67 -17.48
CA GLY B 46 -2.21 3.11 -16.52
C GLY B 46 -1.26 4.11 -17.13
N GLY B 47 -0.74 4.99 -16.28
CA GLY B 47 0.19 6.01 -16.70
C GLY B 47 0.50 7.04 -15.64
N GLU B 48 0.56 8.31 -16.04
CA GLU B 48 0.87 9.41 -15.13
C GLU B 48 -0.15 10.53 -15.34
N ALA B 49 -0.20 11.43 -14.36
CA ALA B 49 -1.04 12.61 -14.46
C ALA B 49 -0.39 13.75 -13.70
N LYS B 50 -0.75 14.98 -14.09
CA LYS B 50 -0.14 16.20 -13.56
C LYS B 50 -1.24 17.09 -13.00
N LYS B 51 -1.40 17.10 -11.66
CA LYS B 51 -2.35 17.99 -11.01
C LYS B 51 -1.70 19.29 -10.57
N SER B 52 -0.40 19.26 -10.29
CA SER B 52 0.34 20.46 -9.90
C SER B 52 1.70 20.50 -10.59
N ASP B 53 2.72 20.99 -9.89
CA ASP B 53 4.08 20.99 -10.43
C ASP B 53 4.74 19.61 -10.42
N LEU B 54 4.03 18.57 -9.97
CA LEU B 54 4.58 17.22 -9.84
C LEU B 54 3.69 16.22 -10.58
N TRP B 55 4.33 15.21 -11.16
CA TRP B 55 3.63 14.09 -11.77
C TRP B 55 3.44 12.97 -10.74
N GLU B 56 2.59 12.01 -11.09
CA GLU B 56 2.35 10.87 -10.22
C GLU B 56 1.73 9.73 -11.02
N ALA B 57 2.02 8.51 -10.59
CA ALA B 57 1.50 7.33 -11.26
C ALA B 57 0.00 7.24 -11.08
N VAL B 58 -0.70 6.85 -12.14
CA VAL B 58 -2.16 6.96 -12.20
C VAL B 58 -2.76 5.77 -12.94
N ALA B 59 -3.89 5.29 -12.45
CA ALA B 59 -4.77 4.38 -13.17
C ALA B 59 -6.08 5.08 -13.49
N VAL B 60 -6.48 5.05 -14.76
CA VAL B 60 -7.67 5.76 -15.24
C VAL B 60 -8.68 4.75 -15.76
N LYS B 61 -9.91 4.82 -15.24
CA LYS B 61 -11.03 4.08 -15.80
C LYS B 61 -11.85 5.00 -16.68
N VAL B 62 -12.28 4.49 -17.83
CA VAL B 62 -12.98 5.31 -18.82
C VAL B 62 -14.39 4.81 -19.04
N ILE B 63 -15.30 5.74 -19.33
CA ILE B 63 -16.66 5.44 -19.75
C ILE B 63 -16.90 6.11 -21.09
N ASN B 64 -17.62 5.42 -21.97
CA ASN B 64 -17.75 5.87 -23.35
C ASN B 64 -18.63 7.11 -23.44
N GLU B 65 -18.30 7.98 -24.41
CA GLU B 65 -19.15 9.12 -24.69
C GLU B 65 -20.46 8.70 -25.34
N LYS B 66 -20.47 7.54 -25.99
CA LYS B 66 -21.68 7.01 -26.60
C LYS B 66 -22.55 6.26 -25.60
N ALA B 67 -22.08 6.05 -24.37
CA ALA B 67 -22.86 5.33 -23.38
C ALA B 67 -24.06 6.19 -22.93
N ASN B 68 -25.04 5.51 -22.35
CA ASN B 68 -26.24 6.18 -21.86
C ASN B 68 -25.89 7.13 -20.72
N TYR B 69 -26.70 8.18 -20.56
CA TYR B 69 -26.46 9.15 -19.49
C TYR B 69 -26.70 8.57 -18.12
N GLU B 70 -27.48 7.49 -18.01
CA GLU B 70 -27.58 6.81 -16.72
C GLU B 70 -26.25 6.18 -16.32
N GLY B 71 -25.41 5.87 -17.30
CA GLY B 71 -24.07 5.38 -17.00
C GLY B 71 -23.16 6.51 -16.59
N LYS B 72 -23.33 7.69 -17.19
CA LYS B 72 -22.46 8.81 -16.86
C LYS B 72 -22.78 9.41 -15.50
N ILE B 73 -24.05 9.40 -15.08
CA ILE B 73 -24.39 9.97 -13.78
C ILE B 73 -23.84 9.09 -12.66
N ASP B 74 -23.87 7.77 -12.85
CA ASP B 74 -23.24 6.86 -11.88
C ASP B 74 -21.71 6.96 -11.95
N PHE B 75 -21.16 7.16 -13.15
CA PHE B 75 -19.72 7.30 -13.32
C PHE B 75 -19.20 8.53 -12.58
N LEU B 76 -20.02 9.57 -12.47
CA LEU B 76 -19.60 10.78 -11.78
C LEU B 76 -20.05 10.78 -10.32
N SER B 77 -21.14 10.07 -10.00
CA SER B 77 -21.50 9.90 -8.60
C SER B 77 -20.44 9.09 -7.85
N GLU B 78 -19.78 8.15 -8.55
CA GLU B 78 -18.64 7.48 -7.95
C GLU B 78 -17.54 8.47 -7.64
N ALA B 79 -17.30 9.44 -8.53
CA ALA B 79 -16.31 10.46 -8.26
C ALA B 79 -16.73 11.36 -7.10
N LYS B 80 -18.03 11.70 -7.01
CA LYS B 80 -18.49 12.55 -5.91
C LYS B 80 -18.36 11.86 -4.56
N LEU B 81 -18.42 10.52 -4.53
CA LEU B 81 -18.26 9.79 -3.27
C LEU B 81 -16.80 9.47 -2.98
N MET B 82 -15.99 9.22 -4.01
CA MET B 82 -14.59 8.91 -3.77
C MET B 82 -13.81 10.13 -3.29
N ARG B 83 -14.26 11.33 -3.65
CA ARG B 83 -13.78 12.50 -2.93
C ARG B 83 -14.43 12.55 -1.56
N SER B 84 -13.80 13.27 -0.64
CA SER B 84 -14.11 13.25 0.79
C SER B 84 -13.91 11.87 1.41
N LEU B 85 -13.26 10.94 0.70
CA LEU B 85 -12.82 9.68 1.26
C LEU B 85 -11.30 9.75 1.30
N ASN B 86 -10.76 9.97 2.50
CA ASN B 86 -9.31 10.16 2.66
C ASN B 86 -8.86 9.25 3.79
N HIS B 87 -8.27 8.11 3.43
CA HIS B 87 -7.73 7.15 4.38
C HIS B 87 -6.65 6.37 3.67
N PRO B 88 -5.54 6.04 4.33
CA PRO B 88 -4.46 5.31 3.64
C PRO B 88 -4.87 3.90 3.21
N ASN B 89 -6.07 3.44 3.56
CA ASN B 89 -6.53 2.12 3.19
C ASN B 89 -7.70 2.16 2.21
N VAL B 90 -7.93 3.31 1.57
CA VAL B 90 -8.86 3.42 0.46
C VAL B 90 -8.13 4.14 -0.67
N VAL B 91 -8.51 3.82 -1.90
CA VAL B 91 -7.84 4.42 -3.04
C VAL B 91 -8.10 5.92 -3.07
N ARG B 92 -7.12 6.67 -3.57
CA ARG B 92 -7.15 8.13 -3.56
C ARG B 92 -7.61 8.61 -4.93
N LEU B 93 -8.81 9.21 -4.96
CA LEU B 93 -9.27 9.89 -6.16
C LEU B 93 -8.53 11.23 -6.27
N ILE B 94 -7.90 11.46 -7.42
CA ILE B 94 -7.10 12.65 -7.63
C ILE B 94 -7.64 13.51 -8.76
N GLY B 95 -8.79 13.18 -9.31
CA GLY B 95 -9.43 14.05 -10.28
C GLY B 95 -10.25 13.26 -11.28
N ILE B 96 -10.93 14.04 -12.13
CA ILE B 96 -11.67 13.54 -13.28
C ILE B 96 -11.33 14.46 -14.46
N SER B 97 -11.93 14.16 -15.62
CA SER B 97 -11.66 14.95 -16.81
C SER B 97 -12.93 15.05 -17.64
N LEU B 98 -13.46 16.26 -17.79
CA LEU B 98 -14.77 16.49 -18.39
C LEU B 98 -14.63 16.92 -19.84
N ASN B 99 -15.33 16.21 -20.74
CA ASN B 99 -15.30 16.38 -22.19
C ASN B 99 -13.90 16.31 -22.82
N PRO B 100 -13.05 15.30 -22.52
CA PRO B 100 -11.79 15.17 -23.27
C PRO B 100 -11.98 14.30 -24.50
N LYS B 101 -12.20 14.93 -25.66
CA LYS B 101 -12.26 14.20 -26.92
C LYS B 101 -13.31 13.09 -26.92
N ALA B 102 -12.86 11.85 -26.67
CA ALA B 102 -13.67 10.67 -26.94
C ALA B 102 -14.56 10.23 -25.78
N SER B 103 -14.28 10.66 -24.55
CA SER B 103 -14.99 10.07 -23.42
C SER B 103 -14.83 10.87 -22.13
N LEU B 104 -15.07 10.21 -20.98
CA LEU B 104 -14.93 10.81 -19.66
C LEU B 104 -13.99 9.96 -18.83
N TYR B 105 -12.98 10.58 -18.21
CA TYR B 105 -11.93 9.89 -17.47
C TYR B 105 -12.13 10.04 -15.97
N LEU B 106 -11.87 8.96 -15.25
CA LEU B 106 -11.83 8.95 -13.78
C LEU B 106 -10.44 8.55 -13.36
N ILE B 107 -9.82 9.36 -12.50
CA ILE B 107 -8.37 9.36 -12.31
C ILE B 107 -8.08 8.97 -10.87
N MET B 108 -7.53 7.77 -10.68
CA MET B 108 -7.28 7.20 -9.35
C MET B 108 -5.79 6.96 -9.12
N GLU B 109 -5.46 6.56 -7.90
CA GLU B 109 -4.11 6.17 -7.56
C GLU B 109 -3.78 4.80 -8.16
N LEU B 110 -2.53 4.63 -8.58
CA LEU B 110 -2.12 3.41 -9.27
C LEU B 110 -1.59 2.40 -8.25
N MET B 111 -2.07 1.15 -8.35
CA MET B 111 -1.64 0.05 -7.51
C MET B 111 -0.87 -0.94 -8.40
N LEU B 112 0.44 -1.03 -8.20
CA LEU B 112 1.28 -1.78 -9.14
C LEU B 112 1.09 -3.28 -9.06
N LEU B 113 0.64 -3.81 -7.93
CA LEU B 113 0.50 -5.26 -7.79
C LEU B 113 -0.90 -5.76 -8.13
N GLY B 114 -1.81 -4.88 -8.53
CA GLY B 114 -3.13 -5.29 -8.99
C GLY B 114 -4.09 -5.65 -7.87
N ASP B 115 -5.10 -6.44 -8.22
CA ASP B 115 -6.08 -6.85 -7.22
C ASP B 115 -5.55 -8.02 -6.41
N LEU B 116 -6.07 -8.16 -5.20
CA LEU B 116 -5.62 -9.20 -4.29
C LEU B 116 -5.95 -10.59 -4.82
N LYS B 117 -7.00 -10.73 -5.62
CA LYS B 117 -7.34 -12.05 -6.17
C LYS B 117 -6.23 -12.55 -7.09
N THR B 118 -5.90 -11.78 -8.11
CA THR B 118 -4.84 -12.20 -9.02
C THR B 118 -3.47 -12.23 -8.35
N TYR B 119 -3.26 -11.37 -7.34
CA TYR B 119 -2.01 -11.39 -6.61
C TYR B 119 -1.83 -12.73 -5.92
N LEU B 120 -2.88 -13.24 -5.29
CA LEU B 120 -2.75 -14.54 -4.61
C LEU B 120 -2.69 -15.70 -5.61
N LEU B 121 -3.44 -15.61 -6.70
CA LEU B 121 -3.45 -16.70 -7.65
C LEU B 121 -2.06 -16.87 -8.31
N SER B 122 -1.37 -15.76 -8.61
CA SER B 122 -0.07 -15.88 -9.24
C SER B 122 1.02 -16.28 -8.28
N ARG B 123 0.74 -16.36 -6.97
CA ARG B 123 1.73 -16.74 -5.96
C ARG B 123 1.27 -17.95 -5.15
N ARG B 124 0.39 -18.79 -5.71
CA ARG B 124 -0.09 -19.96 -5.00
C ARG B 124 0.99 -21.04 -4.90
N ILE B 125 1.66 -21.32 -6.02
CA ILE B 125 2.74 -22.32 -6.00
C ILE B 125 3.88 -21.84 -5.12
N LEU B 126 4.14 -20.54 -5.10
CA LEU B 126 5.20 -20.01 -4.26
C LEU B 126 4.93 -20.26 -2.78
N ALA B 127 3.67 -20.46 -2.39
CA ALA B 127 3.30 -20.78 -1.02
C ALA B 127 3.53 -22.25 -0.69
N GLN B 128 3.85 -23.09 -1.67
CA GLN B 128 4.16 -24.49 -1.43
C GLN B 128 5.64 -24.79 -1.49
N ARG B 129 6.43 -23.99 -2.21
CA ARG B 129 7.87 -24.17 -2.28
C ARG B 129 8.65 -23.24 -1.36
N SER B 130 8.08 -22.10 -0.99
CA SER B 130 8.71 -21.17 -0.05
C SER B 130 7.63 -20.42 0.71
N PRO B 131 7.05 -21.06 1.72
CA PRO B 131 5.95 -20.42 2.47
C PRO B 131 6.38 -19.25 3.33
N ASN B 132 7.68 -19.08 3.56
CA ASN B 132 8.17 -17.95 4.35
C ASN B 132 8.77 -16.88 3.44
N HIS B 133 8.05 -16.55 2.38
CA HIS B 133 8.41 -15.45 1.50
C HIS B 133 7.55 -14.24 1.83
N GLU B 134 8.13 -13.05 1.70
CA GLU B 134 7.44 -11.85 2.15
C GLU B 134 6.13 -11.62 1.41
N ASP B 135 6.01 -12.11 0.18
CA ASP B 135 4.76 -11.92 -0.55
C ASP B 135 3.61 -12.68 0.09
N ILE B 136 3.90 -13.77 0.83
CA ILE B 136 2.85 -14.70 1.22
C ILE B 136 3.03 -15.27 2.62
N ARG B 137 3.99 -14.76 3.38
CA ARG B 137 4.15 -15.25 4.74
C ARG B 137 2.91 -14.90 5.56
N PRO B 138 2.69 -15.62 6.67
CA PRO B 138 1.56 -15.26 7.55
C PRO B 138 1.63 -13.84 8.08
N SER B 139 2.82 -13.28 8.25
CA SER B 139 2.92 -11.91 8.75
C SER B 139 2.32 -10.90 7.77
N THR B 140 2.73 -10.97 6.52
CA THR B 140 2.20 -10.02 5.54
C THR B 140 0.77 -10.33 5.17
N LEU B 141 0.36 -11.60 5.24
CA LEU B 141 -1.04 -11.93 4.96
C LEU B 141 -1.97 -11.39 6.04
N THR B 142 -1.57 -11.51 7.32
CA THR B 142 -2.39 -10.97 8.39
C THR B 142 -2.43 -9.45 8.35
N GLN B 143 -1.29 -8.80 8.06
CA GLN B 143 -1.30 -7.34 7.95
C GLN B 143 -2.12 -6.88 6.75
N MET B 144 -2.12 -7.66 5.67
CA MET B 144 -2.94 -7.33 4.52
C MET B 144 -4.42 -7.42 4.85
N SER B 145 -4.82 -8.50 5.53
CA SER B 145 -6.20 -8.63 5.97
C SER B 145 -6.57 -7.53 6.97
N MET B 146 -5.62 -7.12 7.81
CA MET B 146 -5.87 -6.01 8.73
C MET B 146 -5.98 -4.67 8.00
N ASP B 147 -5.27 -4.52 6.87
CA ASP B 147 -5.33 -3.26 6.12
C ASP B 147 -6.72 -3.03 5.51
N ILE B 148 -7.27 -4.04 4.82
CA ILE B 148 -8.63 -3.90 4.30
C ILE B 148 -9.65 -3.82 5.43
N GLY B 149 -9.33 -4.36 6.61
CA GLY B 149 -10.26 -4.27 7.71
C GLY B 149 -10.40 -2.86 8.25
N GLN B 150 -9.27 -2.18 8.46
CA GLN B 150 -9.32 -0.81 8.98
C GLN B 150 -9.77 0.18 7.91
N GLY B 151 -9.52 -0.13 6.64
CA GLY B 151 -10.08 0.70 5.58
C GLY B 151 -11.59 0.61 5.56
N LEU B 152 -12.14 -0.59 5.75
CA LEU B 152 -13.58 -0.74 5.89
C LEU B 152 -14.09 -0.14 7.19
N ALA B 153 -13.26 -0.13 8.24
CA ALA B 153 -13.65 0.50 9.49
C ALA B 153 -13.78 2.01 9.32
N TYR B 154 -12.86 2.64 8.59
CA TYR B 154 -12.98 4.06 8.30
C TYR B 154 -14.24 4.36 7.50
N LEU B 155 -14.56 3.49 6.54
CA LEU B 155 -15.79 3.67 5.77
C LEU B 155 -17.00 3.65 6.68
N HIS B 156 -17.04 2.69 7.63
CA HIS B 156 -18.14 2.64 8.58
C HIS B 156 -18.15 3.85 9.51
N SER B 157 -17.00 4.48 9.72
CA SER B 157 -16.91 5.54 10.72
C SER B 157 -17.84 6.68 10.40
N LYS B 158 -17.94 7.04 9.12
CA LYS B 158 -18.82 8.09 8.66
C LYS B 158 -20.15 7.53 8.16
N HIS B 159 -20.60 6.43 8.75
CA HIS B 159 -21.91 5.83 8.49
C HIS B 159 -22.08 5.49 7.01
N LEU B 160 -21.23 4.58 6.54
CA LEU B 160 -21.19 4.21 5.14
C LEU B 160 -20.98 2.71 5.01
N ILE B 161 -21.75 2.09 4.12
CA ILE B 161 -21.71 0.65 3.89
C ILE B 161 -21.28 0.39 2.46
N HIS B 162 -20.41 -0.59 2.28
CA HIS B 162 -19.78 -0.88 0.99
C HIS B 162 -20.63 -1.79 0.11
N ARG B 163 -21.22 -2.84 0.69
CA ARG B 163 -22.07 -3.83 0.03
C ARG B 163 -21.34 -4.68 -1.01
N ASP B 164 -20.07 -4.41 -1.29
CA ASP B 164 -19.33 -5.13 -2.31
C ASP B 164 -17.90 -5.35 -1.78
N ILE B 165 -17.78 -6.19 -0.77
CA ILE B 165 -16.50 -6.54 -0.19
C ILE B 165 -16.10 -7.88 -0.79
N ALA B 166 -15.17 -7.85 -1.74
CA ALA B 166 -14.67 -9.06 -2.37
C ALA B 166 -13.15 -8.98 -2.43
N CYS B 167 -12.52 -10.15 -2.44
CA CYS B 167 -11.07 -10.22 -2.52
C CYS B 167 -10.54 -9.65 -3.83
N ARG B 168 -11.39 -9.57 -4.86
CA ARG B 168 -11.00 -8.95 -6.13
C ARG B 168 -11.07 -7.44 -6.08
N ASN B 169 -11.91 -6.88 -5.20
CA ASN B 169 -12.10 -5.45 -5.06
C ASN B 169 -11.11 -4.84 -4.08
N CYS B 170 -10.03 -5.53 -3.78
CA CYS B 170 -8.96 -5.04 -2.92
C CYS B 170 -7.69 -4.94 -3.75
N LEU B 171 -7.18 -3.72 -3.93
CA LEU B 171 -6.03 -3.46 -4.78
C LEU B 171 -4.79 -3.29 -3.91
N VAL B 172 -3.75 -4.07 -4.22
CA VAL B 172 -2.49 -4.09 -3.47
C VAL B 172 -1.42 -3.31 -4.22
N ALA B 173 -0.67 -2.48 -3.50
CA ALA B 173 0.32 -1.57 -4.07
C ALA B 173 1.72 -2.11 -3.89
N ALA B 174 2.71 -1.31 -4.32
CA ALA B 174 4.10 -1.74 -4.28
C ALA B 174 4.62 -1.87 -2.84
N ASP B 175 4.05 -1.12 -1.90
CA ASP B 175 4.40 -1.28 -0.49
C ASP B 175 3.74 -2.50 0.14
N ARG B 176 3.00 -3.29 -0.65
CA ARG B 176 2.15 -4.38 -0.19
C ARG B 176 1.06 -3.91 0.76
N THR B 177 0.93 -2.59 0.94
CA THR B 177 -0.24 -2.03 1.62
C THR B 177 -1.44 -2.12 0.68
N VAL B 178 -2.50 -2.77 1.16
CA VAL B 178 -3.68 -3.05 0.35
C VAL B 178 -4.81 -2.13 0.77
N LYS B 179 -5.57 -1.65 -0.21
CA LYS B 179 -6.63 -0.66 -0.01
C LYS B 179 -7.93 -1.18 -0.62
N ILE B 180 -9.03 -0.52 -0.25
CA ILE B 180 -10.34 -0.85 -0.80
C ILE B 180 -10.47 -0.25 -2.19
N GLY B 181 -11.01 -1.04 -3.13
CA GLY B 181 -10.94 -0.68 -4.53
C GLY B 181 -12.13 0.00 -5.16
N ASP B 182 -13.22 -0.74 -5.37
CA ASP B 182 -14.36 -0.27 -6.14
C ASP B 182 -15.49 0.12 -5.19
N PHE B 183 -15.97 1.35 -5.34
CA PHE B 183 -17.03 1.89 -4.51
C PHE B 183 -18.33 2.08 -5.29
N GLY B 184 -18.71 1.09 -6.09
CA GLY B 184 -19.92 1.23 -6.89
C GLY B 184 -21.18 1.14 -6.05
N LEU B 185 -21.26 0.14 -5.18
CA LEU B 185 -22.45 -0.10 -4.38
C LEU B 185 -22.45 0.67 -3.06
N THR B 186 -21.43 1.48 -2.80
CA THR B 186 -21.36 2.21 -1.54
C THR B 186 -22.52 3.20 -1.43
N ARG B 187 -23.35 2.99 -0.41
CA ARG B 187 -24.51 3.82 -0.15
C ARG B 187 -24.51 4.27 1.29
N GLN B 188 -25.11 5.43 1.55
CA GLN B 188 -25.14 6.00 2.90
C GLN B 188 -25.98 5.17 3.84
N GLU B 205 -24.65 -5.67 -11.34
CA GLU B 205 -24.94 -6.95 -10.70
C GLU B 205 -24.56 -6.91 -9.21
N LEU B 206 -25.28 -7.69 -8.40
CA LEU B 206 -25.02 -7.81 -6.98
C LEU B 206 -24.25 -9.08 -6.68
N PRO B 207 -23.23 -9.01 -5.81
CA PRO B 207 -22.51 -10.23 -5.41
C PRO B 207 -23.32 -11.07 -4.45
N ILE B 208 -24.05 -12.05 -4.98
CA ILE B 208 -24.99 -12.81 -4.15
C ILE B 208 -24.26 -13.74 -3.18
N ARG B 209 -23.09 -14.27 -3.57
CA ARG B 209 -22.40 -15.20 -2.69
C ARG B 209 -21.72 -14.50 -1.53
N TRP B 210 -21.32 -13.23 -1.70
CA TRP B 210 -20.72 -12.46 -0.63
C TRP B 210 -21.75 -11.70 0.20
N MET B 211 -23.03 -11.91 -0.05
CA MET B 211 -24.09 -11.17 0.63
C MET B 211 -24.64 -11.97 1.79
N SER B 212 -24.82 -11.30 2.93
CA SER B 212 -25.47 -11.90 4.08
C SER B 212 -26.92 -12.21 3.75
N PRO B 213 -27.54 -13.16 4.46
CA PRO B 213 -28.93 -13.52 4.16
C PRO B 213 -29.93 -12.43 4.51
N GLU B 214 -29.51 -11.30 5.08
CA GLU B 214 -30.41 -10.17 5.26
C GLU B 214 -30.47 -9.29 4.02
N ALA B 215 -29.37 -9.24 3.25
CA ALA B 215 -29.37 -8.55 1.98
C ALA B 215 -30.06 -9.37 0.88
N VAL B 216 -30.19 -10.66 1.08
CA VAL B 216 -31.04 -11.51 0.26
C VAL B 216 -32.38 -11.62 0.97
N GLN B 217 -33.45 -11.87 0.22
CA GLN B 217 -34.81 -11.98 0.75
C GLN B 217 -35.33 -10.65 1.28
N PHE B 218 -34.43 -9.67 1.44
CA PHE B 218 -34.80 -8.34 1.91
C PHE B 218 -33.88 -7.33 1.25
N GLY B 219 -34.31 -6.07 1.23
CA GLY B 219 -33.49 -5.00 0.69
C GLY B 219 -32.75 -4.25 1.79
N VAL B 220 -32.45 -4.93 2.89
CA VAL B 220 -31.86 -4.32 4.07
C VAL B 220 -30.35 -4.48 4.01
N PHE B 221 -29.62 -3.40 4.26
CA PHE B 221 -28.17 -3.42 4.30
C PHE B 221 -27.68 -2.82 5.61
N SER B 222 -26.70 -3.47 6.22
CA SER B 222 -26.16 -3.04 7.51
C SER B 222 -24.66 -3.28 7.53
N ILE B 223 -24.04 -2.86 8.63
CA ILE B 223 -22.62 -3.13 8.82
C ILE B 223 -22.37 -4.61 8.94
N GLN B 224 -23.32 -5.34 9.55
CA GLN B 224 -23.17 -6.80 9.70
C GLN B 224 -23.13 -7.50 8.36
N SER B 225 -23.82 -6.97 7.35
CA SER B 225 -23.71 -7.53 6.02
C SER B 225 -22.30 -7.35 5.47
N ASP B 226 -21.65 -6.24 5.81
CA ASP B 226 -20.26 -6.03 5.40
C ASP B 226 -19.30 -6.92 6.17
N ILE B 227 -19.61 -7.23 7.43
CA ILE B 227 -18.78 -8.17 8.18
C ILE B 227 -18.91 -9.57 7.57
N TRP B 228 -20.13 -9.95 7.20
CA TRP B 228 -20.34 -11.21 6.49
C TRP B 228 -19.50 -11.24 5.22
N SER B 229 -19.53 -10.16 4.44
CA SER B 229 -18.70 -10.09 3.24
C SER B 229 -17.23 -10.11 3.62
N PHE B 230 -16.88 -9.49 4.74
CA PHE B 230 -15.50 -9.51 5.20
C PHE B 230 -15.07 -10.93 5.55
N GLY B 231 -15.97 -11.71 6.14
CA GLY B 231 -15.65 -13.09 6.45
C GLY B 231 -15.42 -13.93 5.21
N ILE B 232 -16.21 -13.69 4.17
CA ILE B 232 -16.04 -14.47 2.95
C ILE B 232 -14.76 -14.07 2.23
N THR B 233 -14.38 -12.80 2.29
CA THR B 233 -13.09 -12.38 1.75
C THR B 233 -11.94 -13.06 2.49
N LEU B 234 -12.05 -13.18 3.81
CA LEU B 234 -11.05 -13.93 4.58
C LEU B 234 -10.99 -15.37 4.11
N TYR B 235 -12.14 -15.96 3.79
CA TYR B 235 -12.15 -17.29 3.18
C TYR B 235 -11.42 -17.28 1.85
N GLU B 236 -11.59 -16.20 1.06
CA GLU B 236 -10.91 -16.11 -0.22
C GLU B 236 -9.40 -15.99 -0.05
N ILE B 237 -8.96 -15.29 0.99
CA ILE B 237 -7.53 -15.06 1.18
C ILE B 237 -6.84 -16.34 1.63
N ILE B 238 -7.33 -16.96 2.71
CA ILE B 238 -6.70 -18.16 3.25
C ILE B 238 -6.74 -19.33 2.27
N THR B 239 -7.55 -19.24 1.22
CA THR B 239 -7.57 -20.27 0.18
C THR B 239 -7.00 -19.77 -1.15
N PHE B 240 -6.51 -18.53 -1.19
CA PHE B 240 -5.87 -17.95 -2.37
C PHE B 240 -6.82 -17.93 -3.57
N GLY B 241 -7.94 -17.23 -3.38
CA GLY B 241 -8.87 -16.96 -4.46
C GLY B 241 -9.83 -18.08 -4.80
N VAL B 242 -10.02 -19.04 -3.90
CA VAL B 242 -10.98 -20.12 -4.14
C VAL B 242 -12.39 -19.55 -4.18
N PHE B 243 -13.16 -19.96 -5.18
CA PHE B 243 -14.50 -19.43 -5.38
C PHE B 243 -15.41 -19.82 -4.22
N PRO B 244 -16.23 -18.89 -3.72
CA PRO B 244 -17.23 -19.24 -2.71
C PRO B 244 -18.27 -20.21 -3.26
N TYR B 245 -18.34 -21.38 -2.63
CA TYR B 245 -19.41 -22.38 -2.87
C TYR B 245 -19.26 -22.99 -4.28
N ASN B 246 -18.06 -23.48 -4.60
CA ASN B 246 -17.67 -23.72 -5.98
C ASN B 246 -18.63 -24.66 -6.71
N GLY B 247 -19.14 -25.69 -6.01
CA GLY B 247 -20.02 -26.67 -6.65
C GLY B 247 -21.46 -26.24 -6.78
N LEU B 248 -21.91 -25.28 -5.98
CA LEU B 248 -23.30 -24.86 -5.95
C LEU B 248 -23.44 -23.58 -6.77
N GLY B 249 -24.32 -23.61 -7.77
CA GLY B 249 -24.56 -22.45 -8.61
C GLY B 249 -25.41 -21.40 -7.94
N ASP B 250 -25.93 -20.47 -8.76
CA ASP B 250 -26.76 -19.39 -8.25
C ASP B 250 -28.11 -19.87 -7.72
N VAL B 251 -28.51 -21.10 -8.05
CA VAL B 251 -29.80 -21.62 -7.62
C VAL B 251 -29.74 -22.30 -6.25
N GLU B 252 -28.56 -22.75 -5.83
CA GLU B 252 -28.44 -23.51 -4.60
C GLU B 252 -27.88 -22.69 -3.45
N VAL B 253 -27.25 -21.56 -3.74
CA VAL B 253 -26.61 -20.79 -2.68
C VAL B 253 -27.63 -20.00 -1.87
N VAL B 254 -28.56 -19.33 -2.55
CA VAL B 254 -29.57 -18.56 -1.85
C VAL B 254 -30.43 -19.47 -0.98
N GLU B 255 -30.54 -20.74 -1.36
CA GLU B 255 -31.32 -21.69 -0.57
C GLU B 255 -30.57 -22.15 0.67
N ARG B 256 -29.25 -22.39 0.55
CA ARG B 256 -28.49 -22.90 1.69
C ARG B 256 -28.32 -21.84 2.77
N VAL B 257 -27.99 -20.61 2.37
CA VAL B 257 -27.83 -19.54 3.35
C VAL B 257 -29.15 -19.19 4.00
N LYS B 258 -30.27 -19.46 3.31
CA LYS B 258 -31.58 -19.18 3.86
C LYS B 258 -32.03 -20.26 4.84
N ARG B 259 -31.56 -21.48 4.65
CA ARG B 259 -31.97 -22.62 5.48
C ARG B 259 -31.02 -22.88 6.63
N MET B 260 -30.02 -22.03 6.84
CA MET B 260 -29.07 -22.16 7.94
C MET B 260 -28.45 -23.56 7.97
N GLU B 261 -27.55 -23.79 7.00
CA GLU B 261 -26.83 -25.06 6.92
C GLU B 261 -25.37 -24.84 7.26
N PHE B 262 -24.53 -25.79 6.85
CA PHE B 262 -23.08 -25.60 6.90
C PHE B 262 -22.73 -24.29 6.25
N SER B 263 -22.12 -23.39 7.03
CA SER B 263 -21.71 -22.10 6.47
C SER B 263 -20.57 -22.30 5.49
N ILE B 264 -19.69 -21.30 5.38
CA ILE B 264 -18.69 -21.35 4.32
C ILE B 264 -17.44 -22.00 4.94
N THR B 265 -17.62 -22.58 6.12
CA THR B 265 -16.56 -23.27 6.83
C THR B 265 -16.44 -24.74 6.42
N GLU B 266 -17.50 -25.35 5.90
CA GLU B 266 -17.42 -26.73 5.46
C GLU B 266 -16.49 -26.86 4.26
N PHE B 267 -16.50 -25.87 3.38
CA PHE B 267 -15.65 -25.87 2.19
C PHE B 267 -14.18 -25.64 2.51
N LEU B 268 -13.82 -25.44 3.78
CA LEU B 268 -12.42 -25.37 4.16
C LEU B 268 -11.78 -26.76 4.12
N PRO B 269 -10.48 -26.84 3.83
CA PRO B 269 -9.78 -28.11 3.98
C PRO B 269 -9.79 -28.53 5.43
N PRO B 270 -9.74 -29.84 5.71
CA PRO B 270 -9.84 -30.31 7.09
C PRO B 270 -8.60 -30.06 7.92
N GLN B 271 -7.96 -28.91 7.73
CA GLN B 271 -6.82 -28.50 8.55
C GLN B 271 -7.07 -27.21 9.30
N ALA B 272 -8.15 -26.49 8.99
CA ALA B 272 -8.46 -25.21 9.59
C ALA B 272 -9.92 -25.19 10.02
N LEU B 273 -10.29 -26.16 10.86
CA LEU B 273 -11.63 -26.19 11.44
C LEU B 273 -11.65 -25.81 12.90
N ASN B 274 -10.49 -25.63 13.53
CA ASN B 274 -10.40 -25.02 14.84
C ASN B 274 -9.29 -23.98 14.92
N THR B 275 -8.75 -23.56 13.77
CA THR B 275 -7.83 -22.43 13.76
C THR B 275 -8.53 -21.18 14.26
N VAL B 276 -7.74 -20.22 14.73
CA VAL B 276 -8.30 -18.95 15.19
C VAL B 276 -8.89 -18.13 14.05
N VAL B 277 -8.71 -18.56 12.80
CA VAL B 277 -9.26 -17.84 11.66
C VAL B 277 -10.58 -18.46 11.22
N CYS B 278 -10.72 -19.77 11.43
CA CYS B 278 -12.01 -20.41 11.17
C CYS B 278 -13.08 -19.90 12.13
N GLU B 279 -12.73 -19.74 13.41
CA GLU B 279 -13.66 -19.15 14.35
C GLU B 279 -13.96 -17.70 13.99
N LEU B 280 -13.02 -17.03 13.34
CA LEU B 280 -13.25 -15.65 12.93
C LEU B 280 -14.28 -15.56 11.82
N ILE B 281 -14.07 -16.31 10.73
CA ILE B 281 -15.06 -16.30 9.65
C ILE B 281 -16.35 -16.96 10.07
N ASN B 282 -16.31 -17.85 11.08
CA ASN B 282 -17.54 -18.38 11.64
C ASN B 282 -18.33 -17.29 12.36
N HIS B 283 -17.63 -16.42 13.09
CA HIS B 283 -18.31 -15.34 13.82
C HIS B 283 -18.76 -14.23 12.89
N CYS B 284 -17.97 -13.90 11.87
CA CYS B 284 -18.40 -12.89 10.90
C CYS B 284 -19.59 -13.37 10.10
N CYS B 285 -19.54 -14.62 9.65
CA CYS B 285 -20.62 -15.19 8.85
C CYS B 285 -21.64 -15.92 9.71
N LYS B 286 -21.92 -15.41 10.90
CA LYS B 286 -22.99 -15.96 11.70
C LYS B 286 -24.32 -15.72 10.98
N HIS B 287 -25.18 -16.73 10.98
CA HIS B 287 -26.44 -16.63 10.25
C HIS B 287 -27.29 -15.47 10.77
N GLN B 288 -27.28 -15.25 12.08
CA GLN B 288 -28.05 -14.19 12.70
C GLN B 288 -27.24 -12.89 12.68
N TRP B 289 -27.90 -11.80 12.30
CA TRP B 289 -27.23 -10.50 12.23
C TRP B 289 -26.96 -9.89 13.60
N GLN B 290 -27.35 -10.56 14.69
CA GLN B 290 -27.04 -10.10 16.03
C GLN B 290 -25.93 -10.89 16.69
N HIS B 291 -25.55 -12.02 16.12
CA HIS B 291 -24.43 -12.82 16.61
C HIS B 291 -23.11 -12.38 15.98
N ARG B 292 -23.16 -11.58 14.93
CA ARG B 292 -21.97 -11.09 14.27
C ARG B 292 -21.27 -10.06 15.15
N PRO B 293 -19.99 -9.77 14.89
CA PRO B 293 -19.25 -8.81 15.73
C PRO B 293 -19.94 -7.46 15.81
N SER B 294 -19.65 -6.75 16.91
CA SER B 294 -20.31 -5.47 17.15
C SER B 294 -19.94 -4.44 16.09
N SER B 295 -18.68 -4.40 15.69
CA SER B 295 -18.22 -3.46 14.68
C SER B 295 -16.98 -4.02 14.02
N MET B 296 -16.56 -3.36 12.94
CA MET B 296 -15.36 -3.79 12.25
C MET B 296 -14.10 -3.59 13.09
N ASN B 297 -14.14 -2.71 14.10
CA ASN B 297 -12.99 -2.53 14.99
C ASN B 297 -12.79 -3.72 15.93
N GLN B 298 -13.81 -4.56 16.09
CA GLN B 298 -13.67 -5.72 16.96
C GLN B 298 -12.89 -6.84 16.27
N VAL B 299 -13.16 -7.07 14.99
CA VAL B 299 -12.46 -8.11 14.25
C VAL B 299 -10.99 -7.79 14.03
N LEU B 300 -10.58 -6.53 14.24
CA LEU B 300 -9.16 -6.19 14.20
C LEU B 300 -8.47 -6.53 15.51
N GLU B 301 -9.22 -6.59 16.61
CA GLU B 301 -8.64 -6.96 17.89
C GLU B 301 -8.05 -8.36 17.85
N VAL B 302 -8.69 -9.27 17.11
CA VAL B 302 -8.19 -10.64 17.04
C VAL B 302 -7.04 -10.76 16.06
N LEU B 303 -6.96 -9.89 15.05
CA LEU B 303 -5.80 -9.88 14.17
C LEU B 303 -4.58 -9.24 14.83
N ILE B 304 -4.80 -8.42 15.84
CA ILE B 304 -3.70 -7.91 16.65
C ILE B 304 -3.38 -8.88 17.79
N ALA B 305 -4.38 -9.62 18.26
CA ALA B 305 -4.14 -10.57 19.35
C ALA B 305 -3.31 -11.75 18.87
N TYR B 306 -3.55 -12.22 17.65
CA TYR B 306 -2.79 -13.31 17.05
C TYR B 306 -2.36 -12.91 15.65
N PRO B 307 -1.26 -12.15 15.52
CA PRO B 307 -0.63 -12.02 14.20
C PRO B 307 -0.10 -13.37 13.77
N ASP B 308 0.22 -13.49 12.48
CA ASP B 308 0.58 -14.74 11.83
C ASP B 308 -0.56 -15.75 11.83
N CYS B 309 -1.79 -15.30 12.12
CA CYS B 309 -2.93 -16.21 12.13
C CYS B 309 -3.44 -16.52 10.74
N ILE B 310 -3.29 -15.59 9.81
CA ILE B 310 -3.74 -15.77 8.44
C ILE B 310 -2.59 -16.44 7.69
N ARG B 311 -2.76 -17.71 7.32
CA ARG B 311 -1.70 -18.48 6.71
C ARG B 311 -2.29 -19.37 5.61
N PRO B 312 -1.47 -19.76 4.64
CA PRO B 312 -2.00 -20.49 3.48
C PRO B 312 -2.57 -21.85 3.87
N PHE B 313 -3.77 -22.15 3.37
CA PHE B 313 -4.47 -23.42 3.57
C PHE B 313 -4.89 -23.91 2.19
N LEU B 314 -3.96 -24.53 1.47
CA LEU B 314 -4.18 -24.94 0.09
C LEU B 314 -4.15 -26.46 -0.04
N THR B 315 -4.71 -26.94 -1.14
CA THR B 315 -4.57 -28.32 -1.56
C THR B 315 -3.44 -28.40 -2.59
N ASP B 316 -3.36 -29.53 -3.30
CA ASP B 316 -2.41 -29.67 -4.38
C ASP B 316 -3.07 -29.48 -5.74
N ASP B 317 -4.34 -29.11 -5.78
CA ASP B 317 -5.06 -28.85 -7.03
C ASP B 317 -5.52 -27.40 -7.08
N PRO B 318 -5.16 -26.64 -8.11
CA PRO B 318 -5.56 -25.24 -8.19
C PRO B 318 -7.06 -25.10 -8.38
N PRO B 319 -7.62 -23.90 -8.22
CA PRO B 319 -9.06 -23.70 -8.41
C PRO B 319 -9.51 -24.09 -9.81
N LYS B 320 -10.58 -24.92 -9.87
CA LYS B 320 -11.11 -25.32 -11.17
C LYS B 320 -11.65 -24.15 -11.99
N PRO B 321 -12.55 -23.30 -11.48
CA PRO B 321 -12.99 -22.20 -12.34
C PRO B 321 -11.94 -21.11 -12.44
N ASN C 7 2.61 -0.24 63.50
CA ASN C 7 2.76 0.81 62.50
C ASN C 7 2.25 0.34 61.13
N ARG C 8 2.91 -0.69 60.60
CA ARG C 8 2.55 -1.36 59.34
C ARG C 8 2.18 -0.33 58.27
N THR C 9 2.97 0.74 58.19
CA THR C 9 2.85 1.69 57.09
C THR C 9 4.18 2.14 56.54
N ARG C 10 5.30 1.80 57.20
CA ARG C 10 6.64 2.06 56.70
C ARG C 10 7.36 0.80 56.27
N LYS C 11 6.87 -0.37 56.68
CA LYS C 11 7.52 -1.65 56.33
C LYS C 11 7.73 -1.82 54.84
N PRO C 12 6.73 -1.62 53.96
CA PRO C 12 7.01 -1.69 52.52
C PRO C 12 7.71 -0.46 51.98
N PHE C 13 7.72 0.64 52.73
CA PHE C 13 8.39 1.86 52.28
C PHE C 13 9.90 1.68 52.22
N GLU C 14 10.50 1.14 53.29
CA GLU C 14 11.94 0.93 53.31
C GLU C 14 12.37 -0.14 52.30
N GLU C 15 11.55 -1.17 52.11
CA GLU C 15 11.88 -2.20 51.12
C GLU C 15 11.84 -1.60 49.72
N LEU C 16 10.91 -0.68 49.46
CA LEU C 16 10.86 -0.02 48.16
C LEU C 16 12.05 0.91 47.97
N CYS C 17 12.41 1.67 49.01
CA CYS C 17 13.60 2.49 48.95
C CYS C 17 14.85 1.65 48.73
N THR C 18 14.89 0.45 49.32
CA THR C 18 16.02 -0.45 49.10
C THR C 18 15.97 -1.08 47.72
N GLU C 19 14.76 -1.30 47.18
CA GLU C 19 14.66 -1.87 45.84
C GLU C 19 15.08 -0.88 44.77
N LEU C 20 14.86 0.41 45.00
CA LEU C 20 15.26 1.45 44.07
C LEU C 20 16.67 1.98 44.34
N ALA C 21 17.53 1.16 44.94
CA ALA C 21 18.87 1.62 45.32
C ALA C 21 19.74 1.92 44.11
N ASP C 22 19.37 1.45 42.92
CA ASP C 22 20.16 1.72 41.73
C ASP C 22 20.16 3.19 41.37
N LEU C 23 19.07 3.90 41.64
CA LEU C 23 18.90 5.29 41.24
C LEU C 23 19.18 6.27 42.37
N ASP C 24 19.56 5.80 43.55
CA ASP C 24 19.88 6.69 44.65
C ASP C 24 21.08 7.56 44.31
N MET C 25 20.90 8.87 44.36
CA MET C 25 21.96 9.82 44.08
C MET C 25 22.03 10.82 45.22
N PRO C 26 23.23 11.24 45.60
CA PRO C 26 23.34 12.20 46.71
C PRO C 26 22.90 13.59 46.28
N ALA C 27 22.53 14.39 47.28
CA ALA C 27 22.12 15.76 47.01
C ALA C 27 23.28 16.61 46.50
N GLU C 28 24.52 16.21 46.76
CA GLU C 28 25.68 16.94 46.26
C GLU C 28 25.78 16.88 44.74
N ASN C 29 25.17 15.88 44.11
CA ASN C 29 25.14 15.78 42.66
C ASN C 29 23.90 16.45 42.06
N ILE C 30 23.17 17.23 42.85
CA ILE C 30 21.92 17.84 42.42
C ILE C 30 21.91 19.29 42.87
N VAL C 31 21.66 20.21 41.94
CA VAL C 31 21.49 21.63 42.25
C VAL C 31 20.20 22.10 41.60
N LEU C 32 19.56 23.07 42.23
CA LEU C 32 18.28 23.60 41.79
C LEU C 32 18.42 25.10 41.55
N ASN C 33 17.88 25.57 40.42
CA ASN C 33 18.04 26.95 39.98
C ASN C 33 16.77 27.77 40.13
N ARG C 34 15.66 27.29 39.58
CA ARG C 34 14.43 28.06 39.50
C ARG C 34 13.24 27.12 39.69
N ARG C 35 12.04 27.67 39.60
CA ARG C 35 10.80 26.90 39.68
C ARG C 35 10.21 26.74 38.27
N VAL C 36 10.30 25.52 37.73
CA VAL C 36 9.84 25.27 36.36
C VAL C 36 8.33 25.44 36.27
N GLY C 37 7.59 25.03 37.30
CA GLY C 37 6.15 25.21 37.31
C GLY C 37 5.59 24.68 38.61
N GLN C 38 4.29 24.84 38.76
CA GLN C 38 3.57 24.32 39.92
C GLN C 38 2.83 23.06 39.48
N GLY C 39 3.37 21.92 39.88
CA GLY C 39 2.82 20.64 39.48
C GLY C 39 1.57 20.29 40.26
N ALA C 40 1.20 19.02 40.17
CA ALA C 40 0.00 18.54 40.83
C ALA C 40 0.16 18.55 42.34
N PHE C 41 1.11 17.78 42.86
CA PHE C 41 1.29 17.63 44.30
C PHE C 41 2.59 18.24 44.79
N GLY C 42 2.81 19.52 44.50
CA GLY C 42 3.96 20.21 45.00
C GLY C 42 4.49 21.20 43.98
N LEU C 43 5.72 21.63 44.21
CA LEU C 43 6.41 22.58 43.34
C LEU C 43 7.55 21.84 42.65
N VAL C 44 7.43 21.68 41.33
CA VAL C 44 8.47 21.06 40.54
C VAL C 44 9.50 22.12 40.16
N PHE C 45 10.77 21.86 40.49
CA PHE C 45 11.84 22.81 40.24
C PHE C 45 12.62 22.42 39.00
N GLY C 46 13.65 23.19 38.70
CA GLY C 46 14.55 22.89 37.61
C GLY C 46 15.97 23.26 37.97
N GLY C 47 16.91 22.58 37.31
CA GLY C 47 18.31 22.83 37.57
C GLY C 47 19.20 21.88 36.80
N GLU C 48 20.27 21.43 37.44
CA GLU C 48 21.23 20.54 36.82
C GLU C 48 21.62 19.46 37.81
N ALA C 49 21.95 18.28 37.30
CA ALA C 49 22.31 17.15 38.14
C ALA C 49 23.28 16.27 37.39
N LYS C 50 24.14 15.59 38.15
CA LYS C 50 25.17 14.70 37.59
C LYS C 50 24.96 13.31 38.13
N LYS C 51 24.84 12.34 37.24
CA LYS C 51 24.82 10.93 37.63
C LYS C 51 26.25 10.40 37.74
N SER C 52 27.08 11.14 38.50
CA SER C 52 28.49 10.85 38.72
C SER C 52 29.31 10.89 37.43
N ASP C 53 28.68 11.25 36.31
CA ASP C 53 29.39 11.31 35.03
C ASP C 53 29.45 12.72 34.48
N LEU C 54 28.34 13.28 34.03
CA LEU C 54 28.32 14.59 33.40
C LEU C 54 27.06 15.33 33.82
N TRP C 55 27.14 16.66 33.83
CA TRP C 55 26.01 17.47 34.23
C TRP C 55 24.94 17.50 33.14
N GLU C 56 23.68 17.50 33.55
CA GLU C 56 22.55 17.55 32.64
C GLU C 56 21.43 18.40 33.22
N ALA C 57 20.74 19.13 32.35
CA ALA C 57 19.57 19.87 32.77
C ALA C 57 18.48 18.90 33.20
N VAL C 58 17.91 19.12 34.38
CA VAL C 58 16.98 18.19 34.98
C VAL C 58 15.75 18.92 35.48
N ALA C 59 14.64 18.20 35.53
CA ALA C 59 13.44 18.67 36.19
C ALA C 59 13.19 17.76 37.39
N VAL C 60 13.09 18.34 38.57
CA VAL C 60 13.03 17.60 39.82
C VAL C 60 11.69 17.85 40.49
N LYS C 61 10.99 16.77 40.83
CA LYS C 61 9.75 16.83 41.61
C LYS C 61 10.08 16.55 43.07
N VAL C 62 9.52 17.35 43.97
CA VAL C 62 9.88 17.34 45.39
C VAL C 62 8.63 17.15 46.23
N ILE C 63 8.70 16.22 47.18
CA ILE C 63 7.64 15.97 48.14
C ILE C 63 8.21 16.04 49.54
N ASN C 64 7.42 16.54 50.48
CA ASN C 64 7.91 16.82 51.83
C ASN C 64 8.31 15.54 52.54
N GLU C 65 9.23 15.69 53.51
CA GLU C 65 9.68 14.56 54.32
C GLU C 65 8.70 14.24 55.45
N LYS C 66 8.03 15.26 55.99
CA LYS C 66 7.06 15.06 57.06
C LYS C 66 5.73 14.49 56.58
N ALA C 67 5.54 14.33 55.28
CA ALA C 67 4.30 13.76 54.77
C ALA C 67 4.18 12.30 55.16
N ASN C 68 2.95 11.78 55.07
CA ASN C 68 2.69 10.39 55.42
C ASN C 68 3.42 9.45 54.47
N TYR C 69 3.74 8.26 54.98
CA TYR C 69 4.43 7.28 54.17
C TYR C 69 3.58 6.77 53.02
N GLU C 70 2.26 6.98 53.05
CA GLU C 70 1.43 6.64 51.91
C GLU C 70 1.72 7.55 50.73
N GLY C 71 1.86 8.85 50.96
CA GLY C 71 2.22 9.76 49.89
C GLY C 71 3.62 9.51 49.34
N LYS C 72 4.55 9.10 50.20
CA LYS C 72 5.88 8.73 49.74
C LYS C 72 5.84 7.47 48.89
N ILE C 73 4.98 6.52 49.25
CA ILE C 73 4.84 5.31 48.47
C ILE C 73 4.29 5.63 47.08
N ASP C 74 3.27 6.48 47.02
CA ASP C 74 2.73 6.90 45.73
C ASP C 74 3.77 7.68 44.93
N PHE C 75 4.58 8.49 45.61
CA PHE C 75 5.65 9.22 44.95
C PHE C 75 6.65 8.28 44.30
N LEU C 76 7.15 7.31 45.05
CA LEU C 76 8.20 6.44 44.54
C LEU C 76 7.67 5.43 43.53
N SER C 77 6.38 5.07 43.61
CA SER C 77 5.80 4.15 42.65
C SER C 77 5.67 4.81 41.28
N GLU C 78 5.26 6.07 41.23
CA GLU C 78 5.26 6.80 39.97
C GLU C 78 6.67 6.90 39.41
N ALA C 79 7.66 7.03 40.30
CA ALA C 79 9.05 7.06 39.85
C ALA C 79 9.48 5.70 39.31
N LYS C 80 9.15 4.62 40.04
CA LYS C 80 9.51 3.29 39.57
C LYS C 80 8.88 2.99 38.21
N LEU C 81 7.63 3.43 38.02
CA LEU C 81 6.97 3.22 36.73
C LEU C 81 7.71 3.90 35.59
N MET C 82 8.32 5.06 35.83
CA MET C 82 9.08 5.73 34.78
C MET C 82 10.28 4.90 34.36
N ARG C 83 10.90 4.19 35.30
CA ARG C 83 11.93 3.23 34.94
C ARG C 83 11.29 2.08 34.19
N SER C 84 12.11 1.38 33.38
CA SER C 84 11.71 0.33 32.47
C SER C 84 10.83 0.84 31.33
N LEU C 85 10.62 2.15 31.22
CA LEU C 85 9.98 2.78 30.07
C LEU C 85 11.07 3.48 29.28
N ASN C 86 11.43 2.91 28.13
CA ASN C 86 12.46 3.46 27.25
C ASN C 86 11.80 3.76 25.91
N HIS C 87 11.61 5.06 25.62
CA HIS C 87 10.96 5.48 24.40
C HIS C 87 11.29 6.94 24.17
N PRO C 88 11.58 7.35 22.92
CA PRO C 88 11.89 8.77 22.66
C PRO C 88 10.70 9.70 22.84
N ASN C 89 9.50 9.18 23.11
CA ASN C 89 8.32 10.01 23.26
C ASN C 89 7.75 9.98 24.69
N VAL C 90 8.48 9.42 25.64
CA VAL C 90 8.15 9.52 27.05
C VAL C 90 9.33 10.18 27.75
N VAL C 91 9.03 10.96 28.80
CA VAL C 91 10.11 11.63 29.51
C VAL C 91 11.03 10.60 30.15
N ARG C 92 12.33 10.85 30.06
CA ARG C 92 13.34 9.93 30.55
C ARG C 92 13.60 10.19 32.03
N LEU C 93 13.59 9.12 32.83
CA LEU C 93 13.90 9.23 34.24
C LEU C 93 15.40 9.06 34.45
N ILE C 94 15.98 9.96 35.24
CA ILE C 94 17.42 9.97 35.48
C ILE C 94 17.78 9.33 36.81
N GLY C 95 17.01 9.60 37.86
CA GLY C 95 17.28 8.99 39.14
C GLY C 95 16.38 9.54 40.22
N ILE C 96 16.71 9.17 41.46
CA ILE C 96 16.00 9.65 42.64
C ILE C 96 17.05 10.07 43.66
N SER C 97 16.58 10.48 44.83
CA SER C 97 17.50 10.87 45.91
C SER C 97 16.75 10.68 47.21
N LEU C 98 17.22 9.76 48.05
CA LEU C 98 16.48 9.32 49.22
C LEU C 98 17.02 10.00 50.47
N ASN C 99 16.12 10.67 51.20
CA ASN C 99 16.40 11.42 52.42
C ASN C 99 17.41 12.56 52.23
N PRO C 100 17.34 13.37 51.14
CA PRO C 100 18.25 14.53 51.07
C PRO C 100 17.69 15.68 51.87
N LYS C 101 18.19 15.88 53.09
CA LYS C 101 17.80 17.01 53.91
C LYS C 101 16.30 17.03 54.17
N ALA C 102 15.57 17.93 53.53
CA ALA C 102 14.19 18.23 53.93
C ALA C 102 13.12 17.44 53.19
N SER C 103 13.46 16.60 52.22
CA SER C 103 12.41 16.10 51.32
C SER C 103 12.90 14.90 50.52
N LEU C 104 12.12 14.53 49.50
CA LEU C 104 12.40 13.43 48.59
C LEU C 104 12.42 13.98 47.17
N TYR C 105 13.29 13.43 46.32
CA TYR C 105 13.52 13.96 44.99
C TYR C 105 13.19 12.93 43.91
N LEU C 106 12.71 13.43 42.78
CA LEU C 106 12.45 12.64 41.58
C LEU C 106 13.09 13.38 40.41
N ILE C 107 14.14 12.81 39.83
CA ILE C 107 14.95 13.49 38.83
C ILE C 107 14.49 13.09 37.45
N MET C 108 14.02 14.05 36.66
CA MET C 108 13.54 13.81 35.30
C MET C 108 14.36 14.60 34.29
N GLU C 109 14.27 14.16 33.04
CA GLU C 109 14.84 14.89 31.93
C GLU C 109 14.10 16.19 31.73
N LEU C 110 14.83 17.28 31.50
CA LEU C 110 14.23 18.59 31.39
C LEU C 110 13.65 18.83 29.99
N MET C 111 12.43 19.38 29.94
CA MET C 111 11.81 19.82 28.70
C MET C 111 11.76 21.34 28.73
N LEU C 112 12.50 21.98 27.82
CA LEU C 112 12.73 23.41 27.89
C LEU C 112 11.47 24.22 27.62
N LEU C 113 10.79 23.94 26.52
CA LEU C 113 9.64 24.72 26.09
C LEU C 113 8.37 24.42 26.90
N GLY C 114 8.51 23.77 28.04
CA GLY C 114 7.40 23.55 28.95
C GLY C 114 6.41 22.51 28.45
N ASP C 115 5.22 22.55 29.06
CA ASP C 115 4.15 21.63 28.69
C ASP C 115 3.56 22.05 27.33
N LEU C 116 2.56 21.28 26.88
CA LEU C 116 1.94 21.59 25.60
C LEU C 116 0.90 22.69 25.72
N LYS C 117 0.04 22.63 26.76
CA LYS C 117 -1.06 23.59 26.88
C LYS C 117 -0.54 25.02 26.90
N THR C 118 0.27 25.37 27.89
CA THR C 118 0.83 26.71 27.97
C THR C 118 1.82 27.01 26.84
N TYR C 119 2.12 26.03 25.99
CA TYR C 119 2.96 26.27 24.84
C TYR C 119 2.16 26.94 23.73
N LEU C 120 1.09 26.28 23.28
CA LEU C 120 0.30 26.85 22.20
C LEU C 120 -0.71 27.89 22.69
N LEU C 121 -0.96 27.96 24.00
CA LEU C 121 -1.78 29.04 24.54
C LEU C 121 -1.08 30.39 24.35
N SER C 122 0.24 30.41 24.30
CA SER C 122 1.00 31.63 24.07
C SER C 122 1.30 31.86 22.60
N ARG C 123 1.34 30.78 21.81
CA ARG C 123 1.55 30.86 20.37
C ARG C 123 0.25 30.98 19.59
N ARG C 124 -0.86 31.32 20.26
CA ARG C 124 -2.15 31.38 19.57
C ARG C 124 -2.20 32.54 18.59
N ILE C 125 -1.90 33.75 19.05
CA ILE C 125 -1.91 34.92 18.16
C ILE C 125 -0.88 34.77 17.05
N LEU C 126 0.19 34.04 17.31
CA LEU C 126 1.16 33.77 16.25
C LEU C 126 0.55 32.95 15.13
N ALA C 127 -0.54 32.22 15.39
CA ALA C 127 -1.20 31.43 14.36
C ALA C 127 -2.19 32.24 13.53
N GLN C 128 -2.78 33.30 14.12
CA GLN C 128 -3.69 34.14 13.36
C GLN C 128 -2.95 35.20 12.56
N ARG C 129 -1.69 35.50 12.92
CA ARG C 129 -0.89 36.50 12.23
C ARG C 129 0.23 35.91 11.38
N SER C 130 0.59 34.65 11.61
CA SER C 130 1.64 33.99 10.84
C SER C 130 1.46 32.48 10.91
N PRO C 131 0.52 31.91 10.14
CA PRO C 131 0.24 30.47 10.26
C PRO C 131 1.36 29.58 9.76
N ASN C 132 2.29 30.11 8.95
CA ASN C 132 3.45 29.33 8.53
C ASN C 132 4.69 29.74 9.33
N HIS C 133 4.58 29.60 10.64
CA HIS C 133 5.70 29.78 11.53
C HIS C 133 6.15 28.42 12.02
N GLU C 134 7.46 28.28 12.21
CA GLU C 134 8.04 26.97 12.47
C GLU C 134 7.55 26.34 13.78
N ASP C 135 7.04 27.15 14.71
CA ASP C 135 6.54 26.60 15.97
C ASP C 135 5.15 25.99 15.82
N ILE C 136 4.35 26.49 14.89
CA ILE C 136 2.92 26.21 14.87
C ILE C 136 2.38 26.03 13.45
N ARG C 137 3.26 25.75 12.50
CA ARG C 137 2.82 25.38 11.18
C ARG C 137 2.12 24.02 11.23
N PRO C 138 1.24 23.73 10.26
CA PRO C 138 0.55 22.43 10.29
C PRO C 138 1.50 21.24 10.29
N SER C 139 2.70 21.38 9.73
CA SER C 139 3.64 20.28 9.68
C SER C 139 4.15 19.93 11.07
N THR C 140 4.62 20.93 11.81
CA THR C 140 5.17 20.67 13.14
C THR C 140 4.10 20.23 14.13
N LEU C 141 2.87 20.74 13.99
CA LEU C 141 1.79 20.30 14.87
C LEU C 141 1.45 18.84 14.64
N THR C 142 1.38 18.40 13.38
CA THR C 142 1.11 17.00 13.08
C THR C 142 2.21 16.10 13.63
N GLN C 143 3.46 16.57 13.58
CA GLN C 143 4.55 15.80 14.16
C GLN C 143 4.41 15.70 15.67
N MET C 144 4.00 16.79 16.32
CA MET C 144 3.80 16.75 17.76
C MET C 144 2.73 15.75 18.14
N SER C 145 1.64 15.69 17.37
CA SER C 145 0.58 14.73 17.68
C SER C 145 1.00 13.31 17.38
N MET C 146 1.80 13.10 16.33
CA MET C 146 2.34 11.77 16.08
C MET C 146 3.31 11.35 17.18
N ASP C 147 3.98 12.31 17.82
CA ASP C 147 4.89 11.98 18.93
C ASP C 147 4.10 11.45 20.14
N ILE C 148 3.05 12.15 20.55
CA ILE C 148 2.28 11.70 21.70
C ILE C 148 1.48 10.43 21.37
N GLY C 149 1.15 10.23 20.09
CA GLY C 149 0.45 9.00 19.72
C GLY C 149 1.34 7.78 19.77
N GLN C 150 2.59 7.92 19.33
CA GLN C 150 3.54 6.82 19.44
C GLN C 150 3.87 6.52 20.90
N GLY C 151 3.91 7.56 21.74
CA GLY C 151 4.11 7.33 23.16
C GLY C 151 2.92 6.62 23.79
N LEU C 152 1.72 6.98 23.37
CA LEU C 152 0.54 6.27 23.85
C LEU C 152 0.52 4.84 23.34
N ALA C 153 0.99 4.63 22.10
CA ALA C 153 1.09 3.27 21.57
C ALA C 153 2.13 2.46 22.32
N TYR C 154 3.23 3.11 22.73
CA TYR C 154 4.24 2.43 23.53
C TYR C 154 3.70 2.05 24.89
N LEU C 155 2.91 2.92 25.50
CA LEU C 155 2.30 2.61 26.79
C LEU C 155 1.35 1.42 26.66
N HIS C 156 0.58 1.37 25.57
CA HIS C 156 -0.35 0.27 25.36
C HIS C 156 0.37 -1.02 25.00
N SER C 157 1.56 -0.92 24.41
CA SER C 157 2.32 -2.11 24.07
C SER C 157 2.84 -2.81 25.31
N LYS C 158 3.23 -2.03 26.33
CA LYS C 158 3.65 -2.59 27.61
C LYS C 158 2.46 -2.94 28.50
N HIS C 159 1.25 -2.97 27.95
CA HIS C 159 0.03 -3.31 28.68
C HIS C 159 -0.19 -2.35 29.85
N LEU C 160 -0.08 -1.05 29.56
CA LEU C 160 -0.31 0.01 30.52
C LEU C 160 -1.38 0.94 29.97
N ILE C 161 -2.20 1.49 30.88
CA ILE C 161 -3.32 2.35 30.53
C ILE C 161 -3.16 3.67 31.29
N HIS C 162 -3.52 4.78 30.63
CA HIS C 162 -3.09 6.10 31.08
C HIS C 162 -4.13 6.84 31.90
N ARG C 163 -5.39 6.90 31.42
CA ARG C 163 -6.51 7.59 32.06
C ARG C 163 -6.43 9.12 32.03
N ASP C 164 -5.29 9.72 31.60
CA ASP C 164 -5.25 11.20 31.56
C ASP C 164 -4.32 11.65 30.44
N ILE C 165 -4.88 11.68 29.23
CA ILE C 165 -4.19 12.18 28.05
C ILE C 165 -4.78 13.53 27.71
N ALA C 166 -3.97 14.58 27.84
CA ALA C 166 -4.41 15.93 27.53
C ALA C 166 -3.18 16.78 27.29
N CYS C 167 -3.40 18.02 26.83
CA CYS C 167 -2.30 18.94 26.60
C CYS C 167 -1.62 19.36 27.90
N ARG C 168 -2.23 19.10 29.05
CA ARG C 168 -1.60 19.41 30.33
C ARG C 168 -0.41 18.50 30.59
N ASN C 169 -0.57 17.21 30.35
CA ASN C 169 0.43 16.19 30.67
C ASN C 169 1.30 15.84 29.47
N CYS C 170 1.58 16.81 28.60
CA CYS C 170 2.47 16.62 27.47
C CYS C 170 3.52 17.73 27.47
N LEU C 171 4.79 17.32 27.52
CA LEU C 171 5.90 18.27 27.64
C LEU C 171 6.66 18.30 26.32
N VAL C 172 6.92 19.50 25.82
CA VAL C 172 7.60 19.69 24.55
C VAL C 172 9.03 20.09 24.83
N ALA C 173 9.96 19.49 24.10
CA ALA C 173 11.38 19.74 24.32
C ALA C 173 11.81 20.96 23.51
N ALA C 174 13.11 21.26 23.52
CA ALA C 174 13.62 22.38 22.75
C ALA C 174 13.51 22.10 21.25
N ASP C 175 13.60 20.83 20.87
CA ASP C 175 13.50 20.42 19.47
C ASP C 175 12.07 20.40 18.97
N ARG C 176 11.10 20.81 19.79
CA ARG C 176 9.67 20.73 19.50
C ARG C 176 9.21 19.29 19.31
N THR C 177 10.05 18.31 19.64
CA THR C 177 9.60 16.94 19.78
C THR C 177 8.96 16.80 21.15
N VAL C 178 7.78 16.19 21.20
CA VAL C 178 6.95 16.20 22.38
C VAL C 178 7.01 14.83 23.05
N LYS C 179 6.96 14.82 24.38
CA LYS C 179 7.01 13.60 25.16
C LYS C 179 5.82 13.58 26.12
N ILE C 180 5.52 12.39 26.64
CA ILE C 180 4.51 12.24 27.69
C ILE C 180 5.14 12.64 29.01
N GLY C 181 4.42 13.43 29.82
CA GLY C 181 5.03 14.04 30.99
C GLY C 181 4.57 13.59 32.36
N ASP C 182 3.43 12.90 32.44
CA ASP C 182 2.86 12.54 33.74
C ASP C 182 2.38 11.09 33.71
N PHE C 183 2.67 10.35 34.79
CA PHE C 183 2.24 8.97 34.93
C PHE C 183 1.72 8.65 36.33
N GLY C 184 1.26 9.67 37.07
CA GLY C 184 0.87 9.46 38.46
C GLY C 184 -0.29 8.49 38.64
N LEU C 185 -1.27 8.55 37.75
CA LEU C 185 -2.44 7.69 37.81
C LEU C 185 -2.51 6.71 36.65
N THR C 186 -1.51 6.72 35.77
CA THR C 186 -1.39 5.73 34.71
C THR C 186 -1.19 4.36 35.31
N ARG C 187 -2.17 3.47 35.15
CA ARG C 187 -2.14 2.17 35.81
C ARG C 187 -2.10 1.05 34.78
N GLN C 188 -1.45 -0.05 35.15
CA GLN C 188 -1.55 -1.34 34.48
C GLN C 188 -3.01 -1.78 34.33
N ALA C 189 -3.26 -2.74 33.44
CA ALA C 189 -4.58 -3.36 33.36
C ALA C 189 -4.49 -4.74 32.73
N GLU C 205 -6.45 11.83 41.72
CA GLU C 205 -7.23 12.83 41.01
C GLU C 205 -7.98 12.19 39.85
N LEU C 206 -9.26 12.56 39.68
CA LEU C 206 -10.11 12.04 38.62
C LEU C 206 -10.64 13.21 37.80
N PRO C 207 -9.96 13.57 36.68
CA PRO C 207 -10.48 14.66 35.83
C PRO C 207 -11.69 14.25 35.02
N ILE C 208 -12.87 14.39 35.64
CA ILE C 208 -14.10 13.88 35.07
C ILE C 208 -14.53 14.65 33.83
N ARG C 209 -14.05 15.89 33.66
CA ARG C 209 -14.54 16.78 32.61
C ARG C 209 -14.59 16.12 31.22
N TRP C 210 -13.44 15.71 30.68
CA TRP C 210 -13.44 14.94 29.42
C TRP C 210 -12.77 13.58 29.64
N MET C 211 -13.59 12.57 29.86
CA MET C 211 -13.23 11.17 29.86
C MET C 211 -14.22 10.43 28.99
N SER C 212 -13.90 9.18 28.67
CA SER C 212 -14.84 8.40 27.87
C SER C 212 -16.10 8.12 28.69
N PRO C 213 -17.28 8.15 28.06
CA PRO C 213 -18.52 7.88 28.81
C PRO C 213 -18.54 6.55 29.51
N GLU C 214 -17.77 5.57 29.02
CA GLU C 214 -17.64 4.29 29.71
C GLU C 214 -16.83 4.41 30.99
N ALA C 215 -16.08 5.49 31.17
CA ALA C 215 -15.27 5.66 32.37
C ALA C 215 -16.00 6.43 33.46
N VAL C 216 -17.09 7.12 33.12
CA VAL C 216 -17.77 7.96 34.10
C VAL C 216 -18.63 7.12 35.03
N GLN C 217 -19.38 6.16 34.48
CA GLN C 217 -20.38 5.44 35.25
C GLN C 217 -20.04 3.97 35.42
N PHE C 218 -18.87 3.52 34.98
CA PHE C 218 -18.46 2.14 35.21
C PHE C 218 -17.06 2.00 35.78
N GLY C 219 -16.26 3.06 35.80
CA GLY C 219 -14.91 2.99 36.32
C GLY C 219 -13.97 2.07 35.57
N VAL C 220 -14.43 1.49 34.47
CA VAL C 220 -13.57 0.62 33.68
C VAL C 220 -12.71 1.49 32.75
N PHE C 221 -11.43 1.16 32.70
CA PHE C 221 -10.49 1.81 31.80
C PHE C 221 -9.99 0.80 30.79
N SER C 222 -9.95 1.21 29.52
CA SER C 222 -9.55 0.33 28.44
C SER C 222 -8.63 1.10 27.50
N ILE C 223 -8.16 0.41 26.47
CA ILE C 223 -7.39 1.09 25.43
C ILE C 223 -8.27 2.12 24.74
N GLN C 224 -9.54 1.78 24.51
CA GLN C 224 -10.48 2.73 23.90
C GLN C 224 -10.74 3.94 24.79
N SER C 225 -10.59 3.79 26.11
CA SER C 225 -10.71 4.95 26.99
C SER C 225 -9.54 5.90 26.84
N ASP C 226 -8.42 5.45 26.28
CA ASP C 226 -7.29 6.31 26.00
C ASP C 226 -7.31 6.84 24.57
N ILE C 227 -7.93 6.12 23.64
CA ILE C 227 -8.10 6.68 22.29
C ILE C 227 -9.21 7.72 22.29
N TRP C 228 -10.15 7.62 23.23
CA TRP C 228 -11.12 8.70 23.44
C TRP C 228 -10.39 10.00 23.73
N SER C 229 -9.43 9.96 24.66
CA SER C 229 -8.78 11.19 25.10
C SER C 229 -7.87 11.75 24.02
N PHE C 230 -7.19 10.87 23.28
CA PHE C 230 -6.22 11.34 22.30
C PHE C 230 -6.90 12.01 21.10
N GLY C 231 -8.20 11.76 20.91
CA GLY C 231 -8.97 12.56 19.98
C GLY C 231 -9.42 13.88 20.59
N ILE C 232 -9.69 13.88 21.89
CA ILE C 232 -9.96 15.13 22.59
C ILE C 232 -8.72 16.01 22.59
N THR C 233 -7.54 15.40 22.77
CA THR C 233 -6.31 16.15 22.67
C THR C 233 -6.12 16.72 21.27
N LEU C 234 -6.43 15.91 20.24
CA LEU C 234 -6.38 16.42 18.88
C LEU C 234 -7.32 17.61 18.68
N TYR C 235 -8.53 17.53 19.23
CA TYR C 235 -9.47 18.64 19.13
C TYR C 235 -8.99 19.85 19.93
N GLU C 236 -8.37 19.61 21.09
CA GLU C 236 -7.82 20.70 21.87
C GLU C 236 -6.64 21.36 21.19
N ILE C 237 -5.94 20.65 20.31
CA ILE C 237 -4.78 21.20 19.62
C ILE C 237 -5.20 21.99 18.38
N ILE C 238 -6.12 21.43 17.57
CA ILE C 238 -6.56 22.16 16.38
C ILE C 238 -7.31 23.44 16.72
N THR C 239 -7.89 23.52 17.91
CA THR C 239 -8.52 24.75 18.39
C THR C 239 -7.60 25.57 19.28
N PHE C 240 -6.42 25.05 19.60
CA PHE C 240 -5.43 25.76 20.41
C PHE C 240 -5.91 26.00 21.83
N GLY C 241 -6.81 25.14 22.33
CA GLY C 241 -7.22 25.16 23.72
C GLY C 241 -8.62 25.66 23.97
N VAL C 242 -9.23 26.37 23.02
CA VAL C 242 -10.59 26.87 23.18
C VAL C 242 -11.56 25.78 22.73
N PHE C 243 -12.55 25.50 23.57
CA PHE C 243 -13.51 24.44 23.29
C PHE C 243 -14.71 24.62 24.20
N PRO C 244 -15.83 23.93 23.94
CA PRO C 244 -17.13 24.41 24.42
C PRO C 244 -17.25 24.62 25.93
N TYR C 245 -17.68 25.84 26.28
CA TYR C 245 -18.35 26.20 27.54
C TYR C 245 -17.55 25.86 28.81
N ASN C 246 -16.31 26.33 28.88
CA ASN C 246 -15.68 26.32 30.19
C ASN C 246 -16.38 27.34 31.08
N GLY C 247 -16.69 26.94 32.32
CA GLY C 247 -17.54 27.72 33.18
C GLY C 247 -18.97 27.23 33.09
N LEU C 248 -19.20 26.00 33.54
CA LEU C 248 -20.50 25.36 33.42
C LEU C 248 -20.64 24.22 34.42
N GLY C 249 -19.57 23.46 34.65
CA GLY C 249 -19.59 22.43 35.67
C GLY C 249 -19.18 21.05 35.21
N ASP C 250 -18.44 20.32 36.06
CA ASP C 250 -17.96 18.99 35.69
C ASP C 250 -19.07 17.95 35.68
N VAL C 251 -20.21 18.24 36.31
CA VAL C 251 -21.32 17.30 36.34
C VAL C 251 -22.30 17.63 35.22
N GLU C 252 -22.41 18.93 34.88
CA GLU C 252 -23.33 19.34 33.84
C GLU C 252 -22.86 18.89 32.46
N VAL C 253 -21.56 19.03 32.19
CA VAL C 253 -21.01 18.57 30.92
C VAL C 253 -21.11 17.05 30.78
N VAL C 254 -20.89 16.32 31.89
CA VAL C 254 -20.89 14.87 31.81
C VAL C 254 -22.29 14.35 31.53
N GLU C 255 -23.31 14.96 32.14
CA GLU C 255 -24.68 14.57 31.84
C GLU C 255 -25.14 15.04 30.46
N ARG C 256 -24.45 16.03 29.87
CA ARG C 256 -24.81 16.45 28.52
C ARG C 256 -24.07 15.64 27.46
N VAL C 257 -22.82 15.27 27.72
CA VAL C 257 -22.05 14.45 26.77
C VAL C 257 -22.61 13.04 26.72
N LYS C 258 -23.20 12.56 27.82
CA LYS C 258 -23.61 11.16 27.90
C LYS C 258 -24.68 10.83 26.86
N ARG C 259 -25.48 11.81 26.46
CA ARG C 259 -26.45 11.60 25.40
C ARG C 259 -25.74 11.25 24.09
N MET C 260 -26.16 10.15 23.47
CA MET C 260 -25.45 9.64 22.29
C MET C 260 -25.82 10.38 21.01
N GLU C 261 -25.89 11.72 21.10
CA GLU C 261 -25.95 12.59 19.94
C GLU C 261 -24.74 13.50 19.88
N PHE C 262 -23.79 13.32 20.79
CA PHE C 262 -22.72 14.28 20.99
C PHE C 262 -21.58 14.02 20.00
N SER C 263 -21.34 14.99 19.14
CA SER C 263 -20.14 15.04 18.31
C SER C 263 -19.38 16.30 18.71
N ILE C 264 -18.21 16.12 19.32
CA ILE C 264 -17.41 17.28 19.69
C ILE C 264 -17.03 18.08 18.47
N THR C 265 -17.14 17.48 17.27
CA THR C 265 -16.85 18.14 16.01
C THR C 265 -17.97 19.08 15.58
N GLU C 266 -19.16 18.97 16.18
CA GLU C 266 -20.25 19.85 15.80
C GLU C 266 -19.96 21.29 16.18
N PHE C 267 -19.12 21.49 17.19
CA PHE C 267 -18.72 22.82 17.61
C PHE C 267 -17.55 23.37 16.80
N LEU C 268 -16.95 22.56 15.94
CA LEU C 268 -15.94 23.07 15.03
C LEU C 268 -16.58 24.01 14.01
N PRO C 269 -15.83 24.99 13.51
CA PRO C 269 -16.39 25.89 12.50
C PRO C 269 -16.77 25.12 11.26
N PRO C 270 -17.75 25.61 10.50
CA PRO C 270 -18.14 24.90 9.27
C PRO C 270 -17.02 24.80 8.25
N GLN C 271 -15.98 25.64 8.38
CA GLN C 271 -14.79 25.50 7.55
C GLN C 271 -14.06 24.20 7.85
N ALA C 272 -14.23 23.66 9.06
CA ALA C 272 -13.47 22.51 9.53
C ALA C 272 -14.21 21.18 9.43
N LEU C 273 -15.53 21.18 9.33
CA LEU C 273 -16.31 19.94 9.40
C LEU C 273 -16.29 19.18 8.07
N ASN C 274 -15.19 19.25 7.33
CA ASN C 274 -14.97 18.40 6.17
C ASN C 274 -13.59 17.78 6.12
N THR C 275 -12.76 18.02 7.12
CA THR C 275 -11.33 17.69 7.07
C THR C 275 -11.07 16.21 7.30
N VAL C 276 -9.78 15.87 7.25
CA VAL C 276 -9.35 14.52 7.61
C VAL C 276 -9.35 14.37 9.12
N VAL C 277 -9.06 15.45 9.84
CA VAL C 277 -9.06 15.41 11.29
C VAL C 277 -10.49 15.35 11.83
N CYS C 278 -11.44 16.00 11.14
CA CYS C 278 -12.84 15.92 11.57
C CYS C 278 -13.37 14.51 11.42
N GLU C 279 -13.07 13.85 10.29
CA GLU C 279 -13.44 12.45 10.12
C GLU C 279 -12.59 11.53 10.99
N LEU C 280 -11.48 12.02 11.53
CA LEU C 280 -10.64 11.23 12.40
C LEU C 280 -11.11 11.27 13.85
N ILE C 281 -11.32 12.48 14.39
CA ILE C 281 -11.81 12.58 15.76
C ILE C 281 -13.27 12.16 15.86
N ASN C 282 -14.02 12.19 14.76
CA ASN C 282 -15.34 11.56 14.76
C ASN C 282 -15.22 10.07 15.03
N HIS C 283 -14.20 9.43 14.46
CA HIS C 283 -13.94 8.02 14.77
C HIS C 283 -13.48 7.86 16.22
N CYS C 284 -12.48 8.63 16.63
CA CYS C 284 -11.87 8.44 17.95
C CYS C 284 -12.83 8.79 19.09
N CYS C 285 -13.81 9.64 18.83
CA CYS C 285 -14.73 10.10 19.88
C CYS C 285 -16.15 9.61 19.61
N LYS C 286 -16.27 8.36 19.19
CA LYS C 286 -17.59 7.76 19.04
C LYS C 286 -18.17 7.48 20.43
N HIS C 287 -19.50 7.43 20.50
CA HIS C 287 -20.14 7.19 21.79
C HIS C 287 -19.93 5.74 22.25
N GLN C 288 -20.31 4.78 21.42
CA GLN C 288 -20.10 3.38 21.75
C GLN C 288 -18.63 3.00 21.60
N TRP C 289 -18.07 2.39 22.64
CA TRP C 289 -16.66 2.01 22.61
C TRP C 289 -16.37 0.96 21.54
N GLN C 290 -17.39 0.19 21.12
CA GLN C 290 -17.16 -0.79 20.07
C GLN C 290 -16.82 -0.12 18.74
N HIS C 291 -17.27 1.11 18.53
CA HIS C 291 -17.03 1.82 17.28
C HIS C 291 -15.79 2.70 17.33
N ARG C 292 -15.20 2.89 18.50
CA ARG C 292 -13.94 3.60 18.58
C ARG C 292 -12.82 2.69 18.10
N PRO C 293 -11.69 3.27 17.71
CA PRO C 293 -10.62 2.45 17.14
C PRO C 293 -10.12 1.40 18.12
N SER C 294 -9.69 0.27 17.55
CA SER C 294 -9.18 -0.83 18.35
C SER C 294 -7.77 -0.56 18.85
N SER C 295 -6.84 -0.34 17.92
CA SER C 295 -5.46 -0.09 18.26
C SER C 295 -5.09 1.35 17.97
N MET C 296 -4.04 1.81 18.64
CA MET C 296 -3.51 3.14 18.37
C MET C 296 -2.79 3.20 17.03
N ASN C 297 -2.34 2.05 16.52
CA ASN C 297 -1.63 2.03 15.24
C ASN C 297 -2.56 2.45 14.10
N GLN C 298 -3.83 2.04 14.16
CA GLN C 298 -4.77 2.37 13.09
C GLN C 298 -5.26 3.80 13.14
N VAL C 299 -4.95 4.56 14.19
CA VAL C 299 -5.13 6.01 14.19
C VAL C 299 -3.82 6.71 13.85
N LEU C 300 -2.71 6.22 14.40
CA LEU C 300 -1.40 6.81 14.14
C LEU C 300 -1.06 6.78 12.66
N GLU C 301 -1.37 5.68 11.98
CA GLU C 301 -1.02 5.55 10.58
C GLU C 301 -1.83 6.49 9.70
N VAL C 302 -2.95 7.01 10.20
CA VAL C 302 -3.68 8.04 9.47
C VAL C 302 -2.92 9.34 9.50
N LEU C 303 -2.30 9.66 10.66
CA LEU C 303 -1.43 10.83 10.74
C LEU C 303 -0.15 10.64 9.96
N ILE C 304 0.28 9.40 9.77
CA ILE C 304 1.49 9.13 9.00
C ILE C 304 1.27 9.49 7.53
N ALA C 305 0.13 9.08 6.97
CA ALA C 305 -0.18 9.31 5.56
C ALA C 305 -0.61 10.73 5.25
N TYR C 306 -0.81 11.58 6.26
CA TYR C 306 -1.25 12.96 6.05
C TYR C 306 -0.40 13.87 6.92
N PRO C 307 0.80 14.24 6.45
CA PRO C 307 1.72 15.03 7.29
C PRO C 307 1.28 16.47 7.54
N ASP C 308 0.09 16.85 7.09
CA ASP C 308 -0.37 18.22 7.27
C ASP C 308 -1.86 18.26 7.61
N CYS C 309 -2.37 17.22 8.27
CA CYS C 309 -3.81 17.07 8.44
C CYS C 309 -4.36 17.86 9.62
N ILE C 310 -3.66 17.89 10.75
CA ILE C 310 -4.19 18.67 11.87
C ILE C 310 -3.85 20.14 11.65
N ARG C 311 -4.80 20.85 11.07
CA ARG C 311 -4.57 22.23 10.70
C ARG C 311 -5.24 23.15 11.72
N PRO C 312 -4.55 24.22 12.15
CA PRO C 312 -5.12 25.10 13.18
C PRO C 312 -6.47 25.67 12.73
N PHE C 313 -7.41 25.74 13.67
CA PHE C 313 -8.78 26.20 13.41
C PHE C 313 -9.11 27.33 14.39
N LEU C 314 -8.30 28.39 14.31
CA LEU C 314 -8.36 29.45 15.29
C LEU C 314 -9.71 30.17 15.26
N THR C 315 -10.08 30.69 16.42
CA THR C 315 -11.28 31.51 16.59
C THR C 315 -10.86 32.89 17.08
N ASP C 316 -11.76 33.85 16.95
CA ASP C 316 -11.55 35.18 17.52
C ASP C 316 -12.09 35.29 18.93
N ASP C 317 -12.50 34.18 19.54
CA ASP C 317 -12.96 34.15 20.92
C ASP C 317 -11.85 33.53 21.76
N PRO C 318 -11.03 34.33 22.45
CA PRO C 318 -9.92 33.78 23.22
C PRO C 318 -10.41 32.88 24.34
N PRO C 319 -9.53 32.09 24.95
CA PRO C 319 -9.98 31.17 25.99
C PRO C 319 -10.54 31.90 27.19
N LYS C 320 -11.51 31.28 27.84
CA LYS C 320 -12.13 31.78 29.06
C LYS C 320 -11.74 30.95 30.29
N PRO C 321 -11.25 29.69 30.16
CA PRO C 321 -10.81 29.11 31.42
C PRO C 321 -9.58 29.79 32.01
PB ADP D . 5.33 -9.75 -27.60
O1B ADP D . 6.23 -10.83 -27.04
O2B ADP D . 5.63 -9.24 -29.00
O3B ADP D . 5.12 -8.63 -26.58
PA ADP D . 3.51 -12.02 -27.70
O1A ADP D . 4.68 -12.94 -27.43
O2A ADP D . 2.54 -12.35 -28.81
O3A ADP D . 3.86 -10.44 -27.75
O5' ADP D . 2.74 -12.02 -26.29
C5' ADP D . 3.25 -11.16 -25.25
C4' ADP D . 2.18 -10.34 -24.58
O4' ADP D . 1.59 -11.17 -23.57
C3' ADP D . 2.80 -9.24 -23.75
O3' ADP D . 1.84 -8.20 -23.54
C2' ADP D . 3.25 -9.88 -22.45
O2' ADP D . 3.11 -8.93 -21.40
C1' ADP D . 2.26 -11.05 -22.30
N9 ADP D . 2.93 -12.34 -21.98
C8 ADP D . 3.12 -13.34 -22.85
N7 ADP D . 3.77 -14.40 -22.29
C5 ADP D . 4.01 -14.07 -21.02
C6 ADP D . 4.66 -14.74 -19.87
N6 ADP D . 5.18 -15.99 -20.02
N1 ADP D . 4.72 -14.08 -18.70
C2 ADP D . 4.20 -12.84 -18.57
N3 ADP D . 3.60 -12.17 -19.57
C4 ADP D . 3.49 -12.71 -20.81
PB ADP E . -13.03 -4.81 -9.32
O1B ADP E . -11.88 -5.79 -9.50
O2B ADP E . -12.70 -3.70 -8.30
O3B ADP E . -14.38 -5.47 -9.14
PA ADP E . -13.21 -2.44 -11.03
O1A ADP E . -13.16 -1.58 -9.75
O2A ADP E . -14.27 -2.21 -12.09
O3A ADP E . -13.14 -4.05 -10.76
O5' ADP E . -11.75 -2.29 -11.70
C5' ADP E . -10.76 -3.21 -11.26
C4' ADP E . -10.10 -3.96 -12.41
O4' ADP E . -9.19 -3.05 -13.00
C3' ADP E . -9.24 -5.06 -11.85
O3' ADP E . -8.95 -6.06 -12.84
C2' ADP E . -7.98 -4.34 -11.41
O2' ADP E . -6.85 -5.19 -11.54
C1' ADP E . -7.92 -3.14 -12.34
N9 ADP E . -7.69 -1.86 -11.60
C8 ADP E . -8.62 -0.91 -11.39
N7 ADP E . -8.15 0.14 -10.67
C5 ADP E . -6.87 -0.14 -10.41
C6 ADP E . -5.78 0.56 -9.69
N6 ADP E . -6.01 1.75 -9.11
N1 ADP E . -4.57 -0.06 -9.64
C2 ADP E . -4.38 -1.27 -10.21
N3 ADP E . -5.32 -1.95 -10.89
C4 ADP E . -6.56 -1.45 -11.01
#